data_1H5T
#
_entry.id   1H5T
#
_cell.length_a   72.810
_cell.length_b   119.490
_cell.length_c   81.170
_cell.angle_alpha   90.00
_cell.angle_beta   112.67
_cell.angle_gamma   90.00
#
_symmetry.space_group_name_H-M   'P 1 21 1'
#
loop_
_entity.id
_entity.type
_entity.pdbx_description
1 polymer 'Glucose-1-phosphate thymidylyltransferase 1'
2 polymer 'Glucose-1-phosphate thymidylyltransferase 1'
3 non-polymer "THYMIDINE-5'-DIPHOSPHATE"
4 non-polymer "2'DEOXY-THYMIDINE-5'-DIPHOSPHO-ALPHA-D-GLUCOSE"
5 non-polymer 'SULFATE ION'
6 water water
#
loop_
_entity_poly.entity_id
_entity_poly.type
_entity_poly.pdbx_seq_one_letter_code
_entity_poly.pdbx_strand_id
1 'polypeptide(L)'
;MKMRKGIILAGGSGTRLYPVTMAVSKQLLPIYDKPMIYYPLSTLMLAGIRDILIISTPQDTPRFQQLLGDGSQWGLNLQY
KVQPSPDGLAQAFIIGEEFIGGDDCALVLGDNIFYGHDLPKLMEAAVNKESGATVFAYHVNDPERYGVVEFDKNGTAISL
EEKPLEPKSNYAVTGLYFYDNDVVQMAKNLKPSARGELEITDINRIYLEQGRLSVAMMGRGYAWLDTGTHQSLIEASNFI
ATIEERQGLKVSCPEEIAFRKGFIDVEQVRKLAVPLIKNNYGQYLYKMTKDSN
;
A,C,D
2 'polypeptide(L)'
;MKMRKGIILAGGSGTRLYPVTMAVSKQLLPIYDKPMIYYPLSTLMLAGIRDILIISTPQDTPRFQQLLGDGSQWGLNLQY
KVQPSPDGLAQAFIIGEEFIGGDDCALVLGDNIFYGHDLPKLMEAAVNKESGATVFAYHVNDPERYGVVEFDKNGTAISL
EEKPLEPKSNYAVTGLYFYDNDVVQMAKNLKPSARGELEITDINRIYLEQGRLSVALMGRGYAWLDTGTHQSLIEASNFI
ATIEERQGLKVSCPEEIAFRKGFIDVEQVRKLAVPLIKNNYGQYLYKQTKDSN
;
B
#
loop_
_chem_comp.id
_chem_comp.type
_chem_comp.name
_chem_comp.formula
DAU non-polymer 2'DEOXY-THYMIDINE-5'-DIPHOSPHO-ALPHA-D-GLUCOSE 'C16 H26 N2 O16 P2'
SO4 non-polymer 'SULFATE ION' 'O4 S -2'
TYD non-polymer THYMIDINE-5'-DIPHOSPHATE 'C10 H16 N2 O11 P2'
#
# COMPACT_ATOMS: atom_id res chain seq x y z
N LYS A 2 -15.41 21.64 35.75
CA LYS A 2 -16.51 20.82 35.14
C LYS A 2 -16.04 20.08 33.89
N MET A 3 -14.82 20.36 33.40
CA MET A 3 -14.30 19.56 32.27
C MET A 3 -14.01 18.18 32.80
N ARG A 4 -14.33 17.13 32.01
CA ARG A 4 -13.91 15.75 32.33
C ARG A 4 -12.45 15.59 32.02
N LYS A 5 -11.81 14.59 32.61
CA LYS A 5 -10.36 14.53 32.66
C LYS A 5 -9.86 13.24 32.00
N GLY A 6 -8.71 13.33 31.35
CA GLY A 6 -8.12 12.13 30.77
C GLY A 6 -6.61 12.36 30.70
N ILE A 7 -5.90 11.28 30.50
CA ILE A 7 -4.48 11.31 30.42
C ILE A 7 -4.08 10.62 29.12
N ILE A 8 -3.13 11.22 28.42
CA ILE A 8 -2.52 10.51 27.25
C ILE A 8 -1.12 10.10 27.66
N LEU A 9 -0.86 8.80 27.62
CA LEU A 9 0.46 8.34 28.05
C LEU A 9 1.28 8.20 26.78
N ALA A 10 2.29 9.04 26.65
CA ALA A 10 2.97 9.16 25.35
C ALA A 10 4.46 9.17 25.61
N GLY A 11 4.94 8.21 26.39
CA GLY A 11 6.37 8.19 26.75
C GLY A 11 6.91 6.94 26.13
N GLY A 12 7.79 6.26 26.87
CA GLY A 12 8.34 5.00 26.43
C GLY A 12 9.68 5.17 25.76
N SER A 13 10.47 4.10 25.69
CA SER A 13 11.73 4.11 24.91
C SER A 13 11.53 4.55 23.43
N GLY A 14 11.05 3.65 22.58
CA GLY A 14 10.94 3.90 21.15
C GLY A 14 12.02 3.13 20.38
N THR A 15 12.89 2.50 21.15
CA THR A 15 14.04 1.69 20.68
C THR A 15 13.74 0.81 19.49
N ARG A 16 12.54 0.26 19.49
CA ARG A 16 12.17 -0.70 18.49
C ARG A 16 12.15 -0.06 17.10
N LEU A 17 11.95 1.24 17.07
CA LEU A 17 11.81 1.90 15.78
C LEU A 17 13.11 2.59 15.37
N TYR A 18 14.19 2.40 16.12
CA TYR A 18 15.46 3.04 15.76
C TYR A 18 15.74 2.78 14.26
N PRO A 19 16.29 3.69 13.45
CA PRO A 19 16.73 5.04 13.77
C PRO A 19 15.65 6.08 13.60
N VAL A 20 14.42 5.67 13.27
CA VAL A 20 13.37 6.67 12.99
C VAL A 20 13.03 7.47 14.24
N THR A 21 13.23 6.86 15.39
CA THR A 21 12.95 7.60 16.64
C THR A 21 14.18 8.22 17.33
N MET A 22 15.31 8.21 16.64
CA MET A 22 16.53 8.78 17.23
C MET A 22 16.42 10.32 17.43
N ALA A 23 15.93 11.04 16.43
CA ALA A 23 15.74 12.50 16.58
C ALA A 23 14.27 12.98 16.54
N VAL A 24 13.34 12.04 16.67
CA VAL A 24 11.92 12.36 16.57
C VAL A 24 11.16 11.53 17.62
N SER A 25 10.22 12.14 18.33
CA SER A 25 9.44 11.35 19.28
C SER A 25 8.48 10.46 18.47
N LYS A 26 8.32 9.22 18.85
CA LYS A 26 7.40 8.31 18.17
C LYS A 26 6.03 8.91 17.98
N GLN A 27 5.48 9.50 19.05
CA GLN A 27 4.11 10.00 18.95
C GLN A 27 3.98 11.29 18.17
N LEU A 28 5.09 11.85 17.65
CA LEU A 28 5.00 12.98 16.72
C LEU A 28 5.18 12.54 15.24
N LEU A 29 5.51 11.26 15.01
CA LEU A 29 5.57 10.75 13.63
C LEU A 29 4.19 10.83 12.97
N PRO A 30 4.15 10.96 11.65
CA PRO A 30 2.87 11.15 10.96
C PRO A 30 2.10 9.82 10.79
N ILE A 31 0.79 9.90 10.95
CA ILE A 31 -0.07 8.82 10.52
C ILE A 31 -0.87 9.52 9.45
N TYR A 32 -0.41 9.32 8.23
CA TYR A 32 -0.93 9.96 7.03
C TYR A 32 -0.71 11.48 7.10
N ASP A 33 -1.73 12.25 7.42
CA ASP A 33 -1.58 13.72 7.33
C ASP A 33 -1.55 14.45 8.68
N LYS A 34 -1.26 13.75 9.76
CA LYS A 34 -1.24 14.45 11.04
C LYS A 34 -0.38 13.66 12.01
N PRO A 35 0.19 14.34 12.97
CA PRO A 35 1.05 13.67 13.96
C PRO A 35 0.21 12.61 14.71
N MET A 36 0.91 11.59 15.17
CA MET A 36 0.25 10.42 15.74
C MET A 36 -0.61 10.78 16.94
N ILE A 37 -0.12 11.70 17.74
CA ILE A 37 -0.79 12.06 19.00
C ILE A 37 -2.13 12.72 18.75
N TYR A 38 -2.34 13.27 17.55
CA TYR A 38 -3.66 13.79 17.24
C TYR A 38 -4.72 12.69 17.37
N TYR A 39 -4.37 11.44 17.12
CA TYR A 39 -5.41 10.39 17.10
C TYR A 39 -6.04 10.08 18.49
N PRO A 40 -5.21 9.80 19.47
CA PRO A 40 -5.78 9.55 20.81
C PRO A 40 -6.35 10.84 21.40
N LEU A 41 -5.72 11.96 21.09
CA LEU A 41 -6.28 13.22 21.48
C LEU A 41 -7.70 13.36 20.95
N SER A 42 -7.90 13.08 19.67
CA SER A 42 -9.25 13.10 19.11
C SER A 42 -10.19 12.12 19.80
N THR A 43 -9.67 10.96 20.16
CA THR A 43 -10.47 9.96 20.83
C THR A 43 -11.03 10.46 22.19
N LEU A 44 -10.16 11.09 22.97
CA LEU A 44 -10.63 11.67 24.23
C LEU A 44 -11.61 12.79 23.94
N MET A 45 -11.29 13.66 22.99
CA MET A 45 -12.26 14.71 22.64
C MET A 45 -13.62 14.15 22.24
N LEU A 46 -13.58 13.09 21.47
CA LEU A 46 -14.82 12.47 21.04
C LEU A 46 -15.63 11.92 22.23
N ALA A 47 -14.93 11.61 23.33
CA ALA A 47 -15.58 11.05 24.54
C ALA A 47 -16.14 12.23 25.32
N GLY A 48 -15.82 13.45 24.89
CA GLY A 48 -16.28 14.62 25.63
C GLY A 48 -15.28 15.00 26.71
N ILE A 49 -14.03 14.54 26.61
CA ILE A 49 -13.06 14.92 27.64
C ILE A 49 -12.20 16.06 27.11
N ARG A 50 -12.08 17.12 27.90
CA ARG A 50 -11.41 18.34 27.47
C ARG A 50 -10.24 18.77 28.36
N ASP A 51 -10.12 18.19 29.54
CA ASP A 51 -9.07 18.60 30.50
C ASP A 51 -8.10 17.41 30.45
N ILE A 52 -6.95 17.57 29.78
CA ILE A 52 -6.12 16.40 29.46
C ILE A 52 -4.69 16.60 29.93
N LEU A 53 -4.12 15.57 30.55
CA LEU A 53 -2.75 15.59 31.02
C LEU A 53 -1.95 14.74 30.03
N ILE A 54 -0.91 15.32 29.45
CA ILE A 54 -0.05 14.51 28.58
C ILE A 54 1.25 14.14 29.33
N ILE A 55 1.56 12.85 29.39
CA ILE A 55 2.74 12.40 30.12
C ILE A 55 3.71 11.83 29.09
N SER A 56 4.96 12.25 29.15
CA SER A 56 5.95 11.71 28.25
C SER A 56 7.32 11.67 28.94
N THR A 57 8.36 11.46 28.15
CA THR A 57 9.72 11.38 28.69
C THR A 57 10.28 12.75 28.97
N PRO A 58 11.41 12.77 29.65
CA PRO A 58 12.06 14.04 29.99
C PRO A 58 12.40 14.75 28.69
N GLN A 59 12.92 14.02 27.72
CA GLN A 59 13.26 14.62 26.42
C GLN A 59 12.06 15.01 25.55
N ASP A 60 11.00 14.22 25.55
CA ASP A 60 9.87 14.49 24.64
C ASP A 60 8.73 15.35 25.17
N THR A 61 8.55 15.40 26.48
CA THR A 61 7.45 16.18 26.98
C THR A 61 7.42 17.62 26.48
N PRO A 62 8.56 18.29 26.49
CA PRO A 62 8.61 19.69 26.03
C PRO A 62 8.35 19.80 24.52
N ARG A 63 8.63 18.77 23.74
CA ARG A 63 8.28 18.82 22.32
C ARG A 63 6.78 18.79 22.09
N PHE A 64 6.07 18.02 22.93
CA PHE A 64 4.63 18.00 22.83
C PHE A 64 4.09 19.38 23.23
N GLN A 65 4.69 19.95 24.29
CA GLN A 65 4.21 21.24 24.80
C GLN A 65 4.42 22.34 23.75
N GLN A 66 5.54 22.27 23.03
CA GLN A 66 5.82 23.24 21.93
C GLN A 66 4.83 23.11 20.78
N LEU A 67 4.36 21.89 20.52
CA LEU A 67 3.40 21.68 19.45
C LEU A 67 1.96 22.07 19.81
N LEU A 68 1.53 21.69 21.00
CA LEU A 68 0.11 21.81 21.34
C LEU A 68 -0.21 22.98 22.30
N GLY A 69 0.78 23.43 23.03
CA GLY A 69 0.55 24.48 24.02
C GLY A 69 -0.46 24.08 25.10
N ASP A 70 -1.27 25.02 25.55
CA ASP A 70 -2.20 24.72 26.60
C ASP A 70 -3.54 24.29 26.05
N GLY A 71 -3.57 24.22 24.72
CA GLY A 71 -4.70 23.67 24.01
C GLY A 71 -5.93 24.53 23.99
N SER A 72 -5.87 25.77 24.45
CA SER A 72 -7.18 26.43 24.51
C SER A 72 -7.62 26.98 23.15
N GLN A 73 -6.72 26.85 22.18
CA GLN A 73 -7.03 27.11 20.79
C GLN A 73 -8.03 26.08 20.30
N TRP A 74 -8.02 24.93 20.95
CA TRP A 74 -9.00 23.90 20.61
C TRP A 74 -10.11 23.76 21.63
N GLY A 75 -10.19 24.72 22.54
CA GLY A 75 -11.17 24.64 23.63
C GLY A 75 -10.88 23.54 24.64
N LEU A 76 -9.61 23.16 24.78
CA LEU A 76 -9.15 22.12 25.69
C LEU A 76 -8.34 22.82 26.79
N ASN A 77 -7.87 22.05 27.76
CA ASN A 77 -7.00 22.53 28.84
C ASN A 77 -5.92 21.45 28.97
N LEU A 78 -4.79 21.66 28.33
CA LEU A 78 -3.74 20.64 28.31
C LEU A 78 -2.68 21.00 29.32
N GLN A 79 -2.20 19.99 30.02
CA GLN A 79 -1.05 20.12 30.90
C GLN A 79 -0.12 18.93 30.68
N TYR A 80 1.09 19.05 31.21
CA TYR A 80 2.14 18.11 30.90
C TYR A 80 2.86 17.65 32.16
N LYS A 81 3.33 16.42 32.17
CA LYS A 81 4.17 15.91 33.28
C LYS A 81 5.14 14.89 32.70
N VAL A 82 6.33 14.81 33.25
CA VAL A 82 7.33 13.87 32.79
C VAL A 82 7.22 12.55 33.55
N GLN A 83 7.40 11.44 32.86
CA GLN A 83 7.56 10.14 33.50
C GLN A 83 9.05 9.86 33.41
N PRO A 84 9.75 9.87 34.53
CA PRO A 84 11.21 9.69 34.52
C PRO A 84 11.64 8.45 33.77
N SER A 85 10.97 7.33 33.99
CA SER A 85 11.22 6.12 33.21
C SER A 85 9.93 5.34 33.05
N PRO A 86 9.88 4.52 32.03
CA PRO A 86 8.66 3.79 31.68
C PRO A 86 8.45 2.55 32.59
N ASP A 87 7.97 2.77 33.80
CA ASP A 87 7.87 1.74 34.80
C ASP A 87 6.48 1.09 34.75
N GLY A 88 5.63 1.55 33.82
CA GLY A 88 4.36 0.87 33.61
C GLY A 88 3.19 1.83 33.40
N LEU A 89 2.14 1.39 32.71
CA LEU A 89 0.98 2.26 32.45
C LEU A 89 0.32 2.76 33.76
N ALA A 90 0.26 1.94 34.80
CA ALA A 90 -0.44 2.36 36.00
C ALA A 90 0.24 3.55 36.67
N GLN A 91 1.51 3.78 36.37
CA GLN A 91 2.21 4.89 36.95
C GLN A 91 1.63 6.24 36.50
N ALA A 92 0.86 6.21 35.43
CA ALA A 92 0.19 7.42 34.95
C ALA A 92 -0.70 7.96 36.07
N PHE A 93 -1.30 7.07 36.85
CA PHE A 93 -2.26 7.55 37.88
C PHE A 93 -1.52 8.07 39.13
N ILE A 94 -0.28 7.66 39.28
CA ILE A 94 0.52 8.19 40.40
C ILE A 94 1.06 9.57 40.00
N ILE A 95 1.64 9.66 38.82
CA ILE A 95 2.17 10.93 38.35
C ILE A 95 1.01 11.88 38.16
N GLY A 96 -0.16 11.34 37.85
CA GLY A 96 -1.31 12.19 37.56
C GLY A 96 -2.22 12.42 38.79
N GLU A 97 -1.76 12.01 39.96
CA GLU A 97 -2.60 12.10 41.17
C GLU A 97 -3.11 13.54 41.42
N GLU A 98 -2.22 14.50 41.43
CA GLU A 98 -2.66 15.86 41.70
C GLU A 98 -3.59 16.33 40.61
N PHE A 99 -3.27 15.98 39.37
CA PHE A 99 -4.09 16.42 38.28
C PHE A 99 -5.47 15.81 38.39
N ILE A 100 -5.53 14.60 38.96
CA ILE A 100 -6.78 13.90 39.06
C ILE A 100 -7.71 14.44 40.15
N GLY A 101 -7.18 14.68 41.34
CA GLY A 101 -7.98 15.20 42.44
C GLY A 101 -8.99 14.13 42.76
N GLY A 102 -10.26 14.52 42.91
CA GLY A 102 -11.25 13.53 43.22
C GLY A 102 -12.11 13.13 42.04
N ASP A 103 -11.71 13.46 40.81
CA ASP A 103 -12.55 13.19 39.66
C ASP A 103 -12.31 11.82 38.99
N ASP A 104 -13.25 11.45 38.11
CA ASP A 104 -13.11 10.28 37.22
C ASP A 104 -11.95 10.64 36.27
N CYS A 105 -11.26 9.66 35.71
CA CYS A 105 -10.17 9.96 34.78
C CYS A 105 -10.10 8.78 33.77
N ALA A 106 -9.93 9.15 32.48
CA ALA A 106 -9.72 8.20 31.36
C ALA A 106 -8.22 8.08 31.06
N LEU A 107 -7.77 6.96 30.48
CA LEU A 107 -6.37 6.88 30.12
C LEU A 107 -6.38 6.36 28.67
N VAL A 108 -5.59 6.98 27.81
CA VAL A 108 -5.42 6.43 26.47
C VAL A 108 -3.94 6.40 26.13
N LEU A 109 -3.48 5.34 25.48
CA LEU A 109 -2.06 5.35 25.05
C LEU A 109 -1.86 6.31 23.86
N GLY A 110 -0.70 6.96 23.81
CA GLY A 110 -0.42 7.95 22.81
C GLY A 110 -0.22 7.35 21.42
N ASP A 111 -0.12 6.02 21.29
CA ASP A 111 0.08 5.48 19.95
C ASP A 111 -1.07 4.57 19.52
N ASN A 112 -2.23 4.75 20.12
CA ASN A 112 -3.37 3.90 19.79
C ASN A 112 -4.33 4.63 18.87
N ILE A 113 -4.67 3.97 17.79
CA ILE A 113 -5.64 4.53 16.89
C ILE A 113 -6.95 3.77 16.71
N PHE A 114 -8.07 4.43 16.95
CA PHE A 114 -9.38 3.75 16.96
C PHE A 114 -10.26 4.39 15.90
N TYR A 115 -11.02 3.56 15.18
CA TYR A 115 -11.90 4.13 14.18
C TYR A 115 -13.12 3.20 14.03
N GLY A 116 -14.30 3.78 13.88
CA GLY A 116 -15.43 2.92 13.57
C GLY A 116 -16.74 3.63 13.83
N HIS A 117 -17.77 3.07 13.23
CA HIS A 117 -19.09 3.61 13.37
C HIS A 117 -19.54 3.46 14.82
N ASP A 118 -20.11 4.53 15.34
CA ASP A 118 -20.56 4.61 16.72
C ASP A 118 -19.49 4.54 17.81
N LEU A 119 -18.23 4.78 17.44
CA LEU A 119 -17.21 4.80 18.48
C LEU A 119 -17.55 5.85 19.56
N PRO A 120 -18.01 7.03 19.14
CA PRO A 120 -18.31 8.07 20.14
C PRO A 120 -19.36 7.61 21.12
N LYS A 121 -20.31 6.82 20.66
CA LYS A 121 -21.41 6.35 21.50
C LYS A 121 -20.94 5.31 22.51
N LEU A 122 -20.10 4.45 22.03
CA LEU A 122 -19.41 3.49 22.87
C LEU A 122 -18.62 4.20 23.97
N MET A 123 -17.87 5.22 23.61
CA MET A 123 -17.15 5.93 24.67
C MET A 123 -18.08 6.77 25.56
N GLU A 124 -19.11 7.36 24.97
CA GLU A 124 -20.04 8.18 25.80
C GLU A 124 -20.65 7.34 26.96
N ALA A 125 -20.95 6.07 26.67
CA ALA A 125 -21.36 5.13 27.68
C ALA A 125 -20.37 4.91 28.81
N ALA A 126 -19.09 4.78 28.45
CA ALA A 126 -18.06 4.58 29.46
C ALA A 126 -17.92 5.86 30.25
N VAL A 127 -18.06 6.98 29.58
CA VAL A 127 -17.94 8.25 30.31
C VAL A 127 -19.16 8.50 31.22
N ASN A 128 -20.31 7.96 30.81
CA ASN A 128 -21.55 8.12 31.58
C ASN A 128 -21.52 7.24 32.83
N LYS A 129 -20.73 6.17 32.80
CA LYS A 129 -20.65 5.25 33.97
C LYS A 129 -20.34 6.01 35.27
N GLU A 130 -21.12 5.77 36.32
CA GLU A 130 -20.89 6.51 37.57
C GLU A 130 -19.88 5.84 38.49
N SER A 131 -19.87 4.53 38.58
CA SER A 131 -18.86 3.87 39.43
C SER A 131 -18.27 2.71 38.66
N GLY A 132 -16.99 2.45 38.91
CA GLY A 132 -16.35 1.28 38.32
C GLY A 132 -15.49 1.71 37.13
N ALA A 133 -15.26 0.76 36.23
CA ALA A 133 -14.30 1.05 35.17
C ALA A 133 -14.87 0.43 33.87
N THR A 134 -14.32 0.89 32.73
CA THR A 134 -14.66 0.33 31.41
C THR A 134 -13.37 0.13 30.59
N VAL A 135 -13.20 -1.07 30.05
CA VAL A 135 -12.09 -1.34 29.08
C VAL A 135 -12.73 -1.88 27.79
N PHE A 136 -11.95 -2.05 26.71
CA PHE A 136 -12.58 -2.48 25.46
C PHE A 136 -11.83 -3.67 24.99
N ALA A 137 -12.54 -4.69 24.56
CA ALA A 137 -11.86 -5.93 24.14
C ALA A 137 -11.94 -5.97 22.58
N TYR A 138 -10.92 -6.50 21.94
CA TYR A 138 -10.91 -6.48 20.47
C TYR A 138 -10.21 -7.74 20.00
N HIS A 139 -10.78 -8.47 19.02
CA HIS A 139 -10.18 -9.73 18.60
C HIS A 139 -8.92 -9.39 17.80
N VAL A 140 -7.78 -10.02 18.13
CA VAL A 140 -6.54 -9.77 17.38
C VAL A 140 -5.87 -11.07 16.99
N ASN A 141 -5.02 -11.00 15.96
CA ASN A 141 -4.29 -12.21 15.51
C ASN A 141 -3.26 -12.71 16.52
N ASP A 142 -2.65 -11.81 17.28
CA ASP A 142 -1.52 -12.20 18.15
C ASP A 142 -1.75 -11.74 19.60
N PRO A 143 -2.69 -12.38 20.29
CA PRO A 143 -3.12 -11.95 21.63
C PRO A 143 -2.01 -11.95 22.66
N GLU A 144 -1.01 -12.80 22.47
CA GLU A 144 0.08 -12.89 23.43
C GLU A 144 0.85 -11.59 23.64
N ARG A 145 0.71 -10.64 22.73
CA ARG A 145 1.38 -9.36 22.85
C ARG A 145 0.65 -8.40 23.80
N TYR A 146 -0.52 -8.77 24.26
CA TYR A 146 -1.38 -7.78 24.91
C TYR A 146 -1.95 -8.29 26.21
N GLY A 147 -2.73 -7.42 26.88
CA GLY A 147 -3.60 -7.87 27.97
C GLY A 147 -4.68 -8.66 27.30
N VAL A 148 -5.06 -9.79 27.89
CA VAL A 148 -5.99 -10.72 27.26
C VAL A 148 -7.17 -11.04 28.17
N VAL A 149 -8.36 -10.98 27.61
CA VAL A 149 -9.54 -11.16 28.44
C VAL A 149 -10.29 -12.42 28.11
N GLU A 150 -10.45 -13.27 29.12
CA GLU A 150 -11.13 -14.56 28.99
C GLU A 150 -12.64 -14.46 29.30
N PHE A 151 -13.47 -15.10 28.47
CA PHE A 151 -14.92 -14.99 28.64
C PHE A 151 -15.56 -16.35 29.01
N ASP A 152 -16.70 -16.25 29.68
CA ASP A 152 -17.66 -17.30 30.03
C ASP A 152 -18.23 -17.92 28.77
N LYS A 153 -18.83 -19.10 28.90
CA LYS A 153 -19.55 -19.66 27.76
C LYS A 153 -20.80 -18.82 27.47
N ASN A 154 -21.19 -18.01 28.46
CA ASN A 154 -22.27 -17.04 28.30
C ASN A 154 -21.68 -15.67 27.96
N GLY A 155 -20.37 -15.65 27.71
CA GLY A 155 -19.67 -14.45 27.27
C GLY A 155 -19.41 -13.41 28.34
N THR A 156 -19.42 -13.84 29.59
CA THR A 156 -19.08 -12.91 30.64
C THR A 156 -17.57 -12.94 30.88
N ALA A 157 -16.96 -11.76 31.01
CA ALA A 157 -15.49 -11.67 31.25
C ALA A 157 -15.16 -12.30 32.57
N ILE A 158 -14.20 -13.21 32.57
CA ILE A 158 -13.97 -13.96 33.76
C ILE A 158 -12.55 -13.86 34.27
N SER A 159 -11.62 -13.50 33.38
CA SER A 159 -10.26 -13.29 33.84
C SER A 159 -9.48 -12.45 32.86
N LEU A 160 -8.42 -11.87 33.36
CA LEU A 160 -7.54 -11.00 32.59
C LEU A 160 -6.11 -11.49 32.84
N GLU A 161 -5.28 -11.51 31.80
CA GLU A 161 -3.85 -11.89 31.95
C GLU A 161 -2.99 -11.01 31.08
N GLU A 162 -1.87 -10.55 31.61
CA GLU A 162 -0.99 -9.71 30.82
C GLU A 162 -0.03 -10.59 30.02
N LYS A 163 -0.09 -10.47 28.69
CA LYS A 163 0.83 -11.21 27.78
C LYS A 163 1.04 -12.64 28.16
N PRO A 164 -0.04 -13.37 28.18
CA PRO A 164 -0.02 -14.75 28.62
C PRO A 164 0.77 -15.59 27.62
N LEU A 165 1.48 -16.59 28.12
CA LEU A 165 2.20 -17.50 27.24
C LEU A 165 1.17 -18.37 26.51
N GLU A 166 0.08 -18.69 27.18
CA GLU A 166 -1.01 -19.48 26.59
C GLU A 166 -2.34 -18.73 26.63
N PRO A 167 -2.54 -17.82 25.68
CA PRO A 167 -3.70 -16.93 25.72
C PRO A 167 -4.97 -17.72 25.82
N LYS A 168 -5.89 -17.29 26.67
CA LYS A 168 -7.15 -17.99 26.80
C LYS A 168 -8.18 -17.59 25.74
N SER A 169 -7.95 -16.48 25.04
CA SER A 169 -8.84 -16.10 23.97
C SER A 169 -8.04 -15.23 23.03
N ASN A 170 -8.67 -14.79 21.95
CA ASN A 170 -7.96 -13.84 21.09
C ASN A 170 -8.33 -12.40 21.35
N TYR A 171 -9.02 -12.15 22.47
CA TYR A 171 -9.48 -10.82 22.75
C TYR A 171 -8.46 -10.08 23.59
N ALA A 172 -7.85 -9.07 22.99
CA ALA A 172 -6.90 -8.21 23.67
C ALA A 172 -7.67 -7.02 24.28
N VAL A 173 -7.10 -6.53 25.35
CA VAL A 173 -7.65 -5.30 26.02
C VAL A 173 -6.91 -4.10 25.39
N THR A 174 -7.66 -3.18 24.76
CA THR A 174 -6.99 -2.11 24.02
C THR A 174 -6.41 -1.06 24.97
N GLY A 175 -5.76 -0.04 24.39
CA GLY A 175 -5.13 0.98 25.20
C GLY A 175 -6.00 2.17 25.50
N LEU A 176 -7.29 1.92 25.76
CA LEU A 176 -8.27 2.98 26.11
C LEU A 176 -9.03 2.49 27.34
N TYR A 177 -9.00 3.29 28.40
CA TYR A 177 -9.55 2.85 29.72
C TYR A 177 -10.30 4.01 30.36
N PHE A 178 -11.41 3.73 30.99
CA PHE A 178 -12.14 4.80 31.67
C PHE A 178 -12.25 4.34 33.14
N TYR A 179 -11.89 5.20 34.09
CA TYR A 179 -11.98 4.79 35.50
C TYR A 179 -12.77 5.83 36.29
N ASP A 180 -13.31 5.39 37.40
CA ASP A 180 -13.81 6.34 38.40
C ASP A 180 -12.62 6.73 39.28
N ASN A 181 -12.85 7.45 40.36
CA ASN A 181 -11.74 7.95 41.19
C ASN A 181 -10.91 6.93 42.01
N ASP A 182 -11.41 5.72 42.16
CA ASP A 182 -10.72 4.67 42.93
C ASP A 182 -9.44 4.18 42.28
N VAL A 183 -9.26 4.55 41.02
CA VAL A 183 -8.07 4.05 40.36
C VAL A 183 -6.77 4.61 40.97
N VAL A 184 -6.81 5.83 41.51
CA VAL A 184 -5.56 6.40 42.03
C VAL A 184 -5.08 5.56 43.25
N GLN A 185 -6.00 5.29 44.18
CA GLN A 185 -5.57 4.44 45.33
C GLN A 185 -5.17 3.03 44.91
N MET A 186 -5.81 2.48 43.88
CA MET A 186 -5.42 1.17 43.45
C MET A 186 -3.98 1.22 42.92
N ALA A 187 -3.64 2.24 42.12
CA ALA A 187 -2.31 2.27 41.46
C ALA A 187 -1.23 2.43 42.53
N LYS A 188 -1.53 3.25 43.49
CA LYS A 188 -0.60 3.50 44.57
C LYS A 188 -0.27 2.28 45.41
N ASN A 189 -1.12 1.28 45.36
CA ASN A 189 -0.87 0.07 46.10
C ASN A 189 -0.27 -1.05 45.28
N LEU A 190 -0.15 -0.82 43.96
CA LEU A 190 0.39 -1.82 43.09
C LEU A 190 1.81 -2.14 43.43
N LYS A 191 2.18 -3.39 43.22
CA LYS A 191 3.58 -3.80 43.27
C LYS A 191 4.05 -4.17 41.84
N PRO A 192 5.34 -4.01 41.52
CA PRO A 192 5.85 -4.40 40.19
C PRO A 192 5.56 -5.87 39.87
N SER A 193 5.17 -6.14 38.62
CA SER A 193 4.78 -7.46 38.14
C SER A 193 6.01 -8.33 37.80
N ALA A 194 5.76 -9.42 37.10
CA ALA A 194 6.83 -10.31 36.59
C ALA A 194 7.71 -9.61 35.58
N ARG A 195 7.18 -8.55 34.99
CA ARG A 195 7.96 -7.77 34.08
C ARG A 195 8.55 -6.62 34.79
N GLY A 196 8.38 -6.53 36.11
CA GLY A 196 8.96 -5.38 36.78
C GLY A 196 8.18 -4.10 36.46
N GLU A 197 6.91 -4.22 36.06
CA GLU A 197 6.11 -3.02 35.76
C GLU A 197 4.88 -2.87 36.63
N LEU A 198 4.43 -1.63 36.80
CA LEU A 198 3.12 -1.36 37.45
C LEU A 198 2.07 -1.49 36.33
N GLU A 199 1.32 -2.58 36.39
CA GLU A 199 0.50 -3.06 35.27
C GLU A 199 -0.94 -2.55 35.39
N ILE A 200 -1.48 -2.13 34.24
CA ILE A 200 -2.86 -1.64 34.19
C ILE A 200 -3.75 -2.87 34.28
N THR A 201 -3.23 -4.03 33.90
CA THR A 201 -4.06 -5.24 33.98
C THR A 201 -4.37 -5.63 35.44
N ASP A 202 -3.41 -5.37 36.33
CA ASP A 202 -3.65 -5.60 37.76
C ASP A 202 -4.74 -4.70 38.29
N ILE A 203 -4.77 -3.44 37.84
CA ILE A 203 -5.86 -2.57 38.24
C ILE A 203 -7.17 -3.09 37.71
N ASN A 204 -7.18 -3.48 36.43
CA ASN A 204 -8.45 -3.92 35.84
C ASN A 204 -8.99 -5.19 36.49
N ARG A 205 -8.10 -6.06 36.89
CA ARG A 205 -8.49 -7.24 37.55
C ARG A 205 -9.17 -6.96 38.89
N ILE A 206 -8.75 -5.90 39.57
CA ILE A 206 -9.40 -5.63 40.86
C ILE A 206 -10.80 -5.11 40.60
N TYR A 207 -10.98 -4.24 39.59
CA TYR A 207 -12.36 -3.84 39.28
C TYR A 207 -13.15 -5.06 38.88
N LEU A 208 -12.53 -5.97 38.14
CA LEU A 208 -13.30 -7.13 37.66
C LEU A 208 -13.72 -8.02 38.85
N GLU A 209 -12.83 -8.18 39.80
CA GLU A 209 -13.18 -9.02 40.96
C GLU A 209 -14.16 -8.34 41.90
N GLN A 210 -14.26 -7.03 41.80
CA GLN A 210 -15.24 -6.27 42.58
C GLN A 210 -16.63 -6.30 41.90
N GLY A 211 -16.65 -6.80 40.66
CA GLY A 211 -17.84 -6.83 39.85
C GLY A 211 -18.16 -5.45 39.29
N ARG A 212 -17.13 -4.64 39.07
CA ARG A 212 -17.33 -3.26 38.66
C ARG A 212 -16.64 -2.91 37.33
N LEU A 213 -16.22 -3.95 36.60
CA LEU A 213 -15.52 -3.75 35.31
C LEU A 213 -16.47 -4.09 34.13
N SER A 214 -16.73 -3.09 33.28
CA SER A 214 -17.50 -3.36 32.05
C SER A 214 -16.50 -3.65 30.95
N VAL A 215 -16.61 -4.79 30.29
CA VAL A 215 -15.61 -5.08 29.23
C VAL A 215 -16.45 -4.96 27.98
N ALA A 216 -16.34 -3.82 27.33
CA ALA A 216 -17.14 -3.55 26.14
C ALA A 216 -16.46 -4.22 24.96
N MET A 217 -17.24 -4.94 24.16
CA MET A 217 -16.68 -5.60 22.99
C MET A 217 -16.61 -4.59 21.86
N MET A 218 -15.43 -4.44 21.25
CA MET A 218 -15.32 -3.66 20.05
C MET A 218 -15.26 -4.70 18.95
N GLY A 219 -16.34 -4.79 18.21
CA GLY A 219 -16.52 -5.78 17.18
C GLY A 219 -15.64 -5.58 15.98
N ARG A 220 -15.82 -6.47 15.02
CA ARG A 220 -14.87 -6.55 13.93
C ARG A 220 -15.07 -5.43 12.95
N GLY A 221 -16.17 -4.70 13.08
CA GLY A 221 -16.35 -3.53 12.23
C GLY A 221 -15.57 -2.31 12.70
N TYR A 222 -14.83 -2.45 13.80
CA TYR A 222 -13.93 -1.35 14.24
C TYR A 222 -12.51 -1.64 13.85
N ALA A 223 -11.71 -0.57 13.70
CA ALA A 223 -10.30 -0.75 13.45
C ALA A 223 -9.57 -0.25 14.70
N TRP A 224 -8.70 -1.09 15.21
CA TRP A 224 -7.80 -0.67 16.29
C TRP A 224 -6.40 -0.89 15.69
N LEU A 225 -5.70 0.19 15.35
CA LEU A 225 -4.54 0.05 14.46
C LEU A 225 -3.25 -0.09 15.20
N ASP A 226 -2.43 -0.98 14.66
CA ASP A 226 -1.16 -1.38 15.21
C ASP A 226 -0.12 -0.26 14.89
N THR A 227 0.65 0.17 15.88
CA THR A 227 1.72 1.15 15.64
C THR A 227 3.10 0.69 16.18
N GLY A 228 3.27 -0.61 16.34
CA GLY A 228 4.51 -1.13 16.90
C GLY A 228 5.67 -1.42 15.95
N THR A 229 5.43 -1.44 14.63
CA THR A 229 6.54 -1.68 13.75
C THR A 229 6.59 -0.62 12.64
N HIS A 230 7.71 -0.58 11.95
CA HIS A 230 7.78 0.35 10.84
C HIS A 230 6.68 -0.03 9.89
N GLN A 231 6.45 -1.32 9.68
CA GLN A 231 5.40 -1.72 8.69
C GLN A 231 4.00 -1.32 9.15
N SER A 232 3.77 -1.41 10.46
CA SER A 232 2.45 -1.10 11.03
C SER A 232 2.22 0.42 10.88
N LEU A 233 3.29 1.20 10.90
CA LEU A 233 3.07 2.62 10.71
C LEU A 233 2.51 2.86 9.28
N ILE A 234 3.15 2.28 8.28
CA ILE A 234 2.73 2.45 6.90
C ILE A 234 1.28 1.97 6.73
N GLU A 235 0.98 0.81 7.31
CA GLU A 235 -0.37 0.26 7.21
C GLU A 235 -1.36 1.21 7.83
N ALA A 236 -1.06 1.77 9.01
CA ALA A 236 -2.00 2.74 9.63
C ALA A 236 -2.17 4.00 8.75
N SER A 237 -1.08 4.49 8.16
CA SER A 237 -1.19 5.67 7.27
C SER A 237 -2.05 5.36 6.04
N ASN A 238 -1.81 4.22 5.40
CA ASN A 238 -2.59 3.85 4.24
C ASN A 238 -4.07 3.65 4.54
N PHE A 239 -4.37 3.20 5.75
CA PHE A 239 -5.74 2.91 6.11
C PHE A 239 -6.46 4.23 6.27
N ILE A 240 -5.83 5.17 6.96
CA ILE A 240 -6.46 6.47 7.11
C ILE A 240 -6.57 7.16 5.76
N ALA A 241 -5.51 7.12 4.98
CA ALA A 241 -5.57 7.83 3.67
C ALA A 241 -6.71 7.29 2.83
N THR A 242 -6.94 5.99 2.92
CA THR A 242 -8.00 5.37 2.12
C THR A 242 -9.38 5.89 2.53
N ILE A 243 -9.65 5.96 3.82
CA ILE A 243 -10.93 6.47 4.30
C ILE A 243 -11.11 7.92 3.93
N GLU A 244 -10.08 8.69 4.18
CA GLU A 244 -10.22 10.14 4.02
C GLU A 244 -10.35 10.50 2.55
N GLU A 245 -9.57 9.86 1.70
CA GLU A 245 -9.61 10.30 0.30
C GLU A 245 -10.91 9.87 -0.35
N ARG A 246 -11.48 8.78 0.14
CA ARG A 246 -12.76 8.36 -0.42
C ARG A 246 -13.93 9.26 0.03
N GLN A 247 -13.97 9.60 1.31
CA GLN A 247 -15.07 10.37 1.86
C GLN A 247 -14.94 11.89 1.71
N GLY A 248 -13.72 12.40 1.58
CA GLY A 248 -13.55 13.86 1.62
C GLY A 248 -13.72 14.38 3.03
N LEU A 249 -13.52 13.51 4.01
CA LEU A 249 -13.74 13.83 5.41
C LEU A 249 -12.55 13.31 6.18
N LYS A 250 -12.07 14.06 7.19
CA LYS A 250 -10.86 13.64 7.87
C LYS A 250 -11.20 12.75 9.08
N VAL A 251 -10.30 11.86 9.41
CA VAL A 251 -10.41 11.05 10.62
C VAL A 251 -9.55 11.72 11.72
N SER A 252 -10.13 11.92 12.92
CA SER A 252 -9.35 12.44 14.05
C SER A 252 -8.62 13.72 13.77
N CYS A 253 -9.34 14.65 13.16
CA CYS A 253 -8.88 16.02 13.05
C CYS A 253 -9.41 16.80 14.26
N PRO A 254 -8.51 17.19 15.17
CA PRO A 254 -8.97 17.74 16.45
C PRO A 254 -9.75 19.04 16.25
N GLU A 255 -9.31 19.86 15.30
CA GLU A 255 -9.94 21.15 15.06
C GLU A 255 -11.35 20.91 14.61
N GLU A 256 -11.52 19.93 13.74
CA GLU A 256 -12.85 19.57 13.29
C GLU A 256 -13.71 19.07 14.44
N ILE A 257 -13.18 18.13 15.22
CA ILE A 257 -13.92 17.64 16.38
C ILE A 257 -14.33 18.78 17.35
N ALA A 258 -13.37 19.60 17.74
CA ALA A 258 -13.66 20.74 18.61
C ALA A 258 -14.88 21.53 18.05
N PHE A 259 -14.81 21.91 16.78
CA PHE A 259 -15.92 22.63 16.14
C PHE A 259 -17.27 21.91 16.17
N ARG A 260 -17.27 20.61 15.85
CA ARG A 260 -18.52 19.90 15.77
C ARG A 260 -19.14 19.61 17.12
N LYS A 261 -18.33 19.54 18.17
CA LYS A 261 -18.83 19.31 19.52
C LYS A 261 -19.10 20.62 20.23
N GLY A 262 -18.81 21.72 19.56
CA GLY A 262 -19.05 23.03 20.14
C GLY A 262 -18.05 23.47 21.19
N PHE A 263 -16.82 22.97 21.14
CA PHE A 263 -15.82 23.43 22.12
C PHE A 263 -15.35 24.82 21.63
N ILE A 264 -15.32 25.01 20.32
CA ILE A 264 -14.90 26.28 19.70
C ILE A 264 -15.92 26.69 18.65
N ASP A 265 -15.94 27.98 18.28
CA ASP A 265 -16.89 28.42 17.28
C ASP A 265 -16.26 28.72 15.92
N VAL A 266 -17.08 29.25 15.01
CA VAL A 266 -16.64 29.55 13.66
C VAL A 266 -15.47 30.50 13.64
N GLU A 267 -15.54 31.55 14.47
CA GLU A 267 -14.46 32.54 14.43
C GLU A 267 -13.14 31.87 14.80
N GLN A 268 -13.17 31.06 15.86
CA GLN A 268 -11.96 30.35 16.28
C GLN A 268 -11.48 29.40 15.21
N VAL A 269 -12.42 28.65 14.59
CA VAL A 269 -11.99 27.75 13.53
C VAL A 269 -11.24 28.48 12.44
N ARG A 270 -11.77 29.62 12.03
CA ARG A 270 -11.07 30.39 10.92
C ARG A 270 -9.67 30.90 11.32
N LYS A 271 -9.52 31.24 12.60
CA LYS A 271 -8.24 31.63 13.17
C LYS A 271 -7.25 30.46 13.09
N LEU A 272 -7.69 29.25 13.45
CA LEU A 272 -6.79 28.08 13.40
C LEU A 272 -6.42 27.77 11.96
N ALA A 273 -7.34 28.05 11.05
CA ALA A 273 -7.07 27.76 9.63
C ALA A 273 -5.97 28.60 9.03
N VAL A 274 -5.76 29.76 9.61
CA VAL A 274 -4.80 30.69 9.01
C VAL A 274 -3.40 30.14 8.72
N PRO A 275 -2.70 29.63 9.73
CA PRO A 275 -1.37 29.05 9.54
C PRO A 275 -1.37 27.82 8.66
N LEU A 276 -2.54 27.26 8.40
CA LEU A 276 -2.62 26.01 7.61
C LEU A 276 -3.21 26.30 6.25
N ILE A 277 -3.65 27.55 6.07
CA ILE A 277 -4.50 27.86 4.91
C ILE A 277 -3.90 27.56 3.56
N LYS A 278 -2.59 27.46 3.47
CA LYS A 278 -1.96 27.18 2.19
C LYS A 278 -1.91 25.72 1.77
N ASN A 279 -2.48 24.81 2.55
CA ASN A 279 -2.60 23.45 2.02
C ASN A 279 -3.96 22.88 2.25
N ASN A 280 -4.19 21.65 1.80
CA ASN A 280 -5.50 21.03 1.90
C ASN A 280 -6.08 21.03 3.31
N TYR A 281 -5.23 20.90 4.29
CA TYR A 281 -5.69 20.75 5.68
C TYR A 281 -6.39 22.05 6.17
N GLY A 282 -5.76 23.19 5.90
CA GLY A 282 -6.39 24.45 6.26
C GLY A 282 -7.65 24.74 5.48
N GLN A 283 -7.65 24.41 4.21
CA GLN A 283 -8.82 24.61 3.36
C GLN A 283 -9.96 23.78 3.87
N TYR A 284 -9.64 22.56 4.29
CA TYR A 284 -10.70 21.69 4.80
C TYR A 284 -11.28 22.36 6.04
N LEU A 285 -10.43 22.93 6.89
CA LEU A 285 -10.97 23.58 8.06
C LEU A 285 -11.82 24.78 7.65
N TYR A 286 -11.32 25.54 6.72
CA TYR A 286 -12.06 26.75 6.37
C TYR A 286 -13.45 26.41 5.85
N LYS A 287 -13.52 25.41 4.97
CA LYS A 287 -14.81 24.99 4.37
C LYS A 287 -15.87 24.46 5.30
N MET A 288 -15.44 24.06 6.48
CA MET A 288 -16.44 23.58 7.40
C MET A 288 -17.25 24.75 7.88
N THR A 289 -16.69 25.95 7.78
CA THR A 289 -17.42 27.14 8.25
C THR A 289 -18.21 27.81 7.14
N LYS A 290 -18.14 27.25 5.94
CA LYS A 290 -18.97 27.74 4.84
C LYS A 290 -19.80 26.55 4.35
N ASP A 291 -19.29 25.35 4.44
CA ASP A 291 -19.96 24.09 4.00
C ASP A 291 -18.96 22.96 3.75
N LYS B 2 41.74 18.78 -7.69
CA LYS B 2 40.60 19.15 -6.78
C LYS B 2 39.99 17.92 -6.09
N MET B 3 39.20 18.13 -5.04
CA MET B 3 38.34 17.05 -4.47
C MET B 3 36.87 17.48 -4.61
N ARG B 4 35.94 16.54 -4.43
CA ARG B 4 34.54 16.88 -4.64
C ARG B 4 33.86 16.87 -3.30
N LYS B 5 33.33 18.01 -2.88
CA LYS B 5 32.63 18.10 -1.62
C LYS B 5 31.10 17.98 -1.82
N GLY B 6 30.36 17.70 -0.77
CA GLY B 6 28.92 17.53 -0.90
C GLY B 6 28.07 18.40 -0.01
N ILE B 7 26.97 18.85 -0.58
CA ILE B 7 26.03 19.67 0.15
C ILE B 7 24.70 18.96 0.04
N ILE B 8 24.08 18.78 1.19
CA ILE B 8 22.68 18.29 1.20
C ILE B 8 21.82 19.48 1.61
N LEU B 9 20.91 19.92 0.76
CA LEU B 9 20.06 21.02 1.12
C LEU B 9 18.77 20.49 1.72
N ALA B 10 18.65 20.66 3.03
CA ALA B 10 17.56 20.04 3.73
C ALA B 10 16.78 21.12 4.46
N GLY B 11 16.46 22.20 3.76
CA GLY B 11 15.77 23.32 4.41
C GLY B 11 14.31 23.35 4.03
N GLY B 12 13.76 24.55 3.91
CA GLY B 12 12.36 24.70 3.50
C GLY B 12 11.43 24.62 4.70
N SER B 13 10.29 25.30 4.60
CA SER B 13 9.35 25.34 5.72
C SER B 13 8.56 24.07 5.87
N GLY B 14 8.30 23.41 4.75
CA GLY B 14 7.47 22.22 4.74
C GLY B 14 5.97 22.49 4.82
N THR B 15 5.51 23.71 4.46
CA THR B 15 4.03 24.05 4.48
C THR B 15 3.03 23.13 3.80
N ARG B 16 3.34 22.61 2.61
CA ARG B 16 2.42 21.68 1.94
C ARG B 16 2.13 20.48 2.85
N LEU B 17 3.00 20.21 3.82
CA LEU B 17 2.77 19.03 4.68
C LEU B 17 2.27 19.31 6.06
N TYR B 18 1.90 20.56 6.37
CA TYR B 18 1.39 20.87 7.67
C TYR B 18 0.13 20.05 7.91
N PRO B 19 -0.18 19.65 9.15
CA PRO B 19 0.59 19.94 10.35
C PRO B 19 1.68 18.91 10.66
N VAL B 20 1.86 17.90 9.84
CA VAL B 20 2.91 16.92 10.13
C VAL B 20 4.25 17.64 10.32
N THR B 21 4.55 18.56 9.40
CA THR B 21 5.85 19.23 9.48
C THR B 21 5.92 20.39 10.45
N MET B 22 4.85 20.62 11.18
CA MET B 22 4.99 21.52 12.36
C MET B 22 5.64 20.73 13.50
N ALA B 23 5.44 19.42 13.51
CA ALA B 23 5.95 18.57 14.59
C ALA B 23 7.36 18.04 14.22
N VAL B 24 7.57 17.74 12.94
CA VAL B 24 8.81 17.07 12.53
C VAL B 24 9.27 17.64 11.18
N SER B 25 10.56 17.96 11.06
CA SER B 25 11.09 18.47 9.79
C SER B 25 10.83 17.42 8.69
N LYS B 26 10.52 17.88 7.47
CA LYS B 26 10.28 16.95 6.40
C LYS B 26 11.38 15.89 6.25
N GLN B 27 12.62 16.33 6.37
CA GLN B 27 13.75 15.43 6.08
C GLN B 27 14.09 14.46 7.22
N LEU B 28 13.34 14.56 8.31
CA LEU B 28 13.38 13.60 9.41
C LEU B 28 12.25 12.60 9.34
N LEU B 29 11.30 12.81 8.43
CA LEU B 29 10.15 11.89 8.40
C LEU B 29 10.65 10.53 7.97
N PRO B 30 10.06 9.47 8.49
CA PRO B 30 10.47 8.12 8.05
C PRO B 30 10.03 7.76 6.62
N ILE B 31 10.95 7.13 5.91
CA ILE B 31 10.65 6.45 4.66
C ILE B 31 10.90 5.00 4.97
N TYR B 32 9.80 4.33 5.35
CA TYR B 32 9.82 3.01 5.89
C TYR B 32 10.60 2.99 7.22
N ASP B 33 11.85 2.59 7.18
CA ASP B 33 12.62 2.31 8.36
C ASP B 33 13.77 3.25 8.68
N LYS B 34 13.89 4.36 7.98
CA LYS B 34 14.99 5.30 8.32
C LYS B 34 14.52 6.68 7.96
N PRO B 35 15.15 7.70 8.53
CA PRO B 35 14.74 9.09 8.23
C PRO B 35 15.00 9.43 6.78
N MET B 36 14.17 10.29 6.20
CA MET B 36 14.31 10.64 4.78
C MET B 36 15.75 11.10 4.41
N ILE B 37 16.40 11.87 5.26
CA ILE B 37 17.76 12.32 4.93
C ILE B 37 18.82 11.23 4.76
N TYR B 38 18.60 10.02 5.27
CA TYR B 38 19.53 8.91 4.97
C TYR B 38 19.67 8.56 3.50
N TYR B 39 18.62 8.81 2.72
CA TYR B 39 18.62 8.40 1.32
C TYR B 39 19.52 9.33 0.45
N PRO B 40 19.33 10.64 0.49
CA PRO B 40 20.28 11.50 -0.25
C PRO B 40 21.67 11.42 0.39
N LEU B 41 21.75 11.24 1.71
CA LEU B 41 23.06 11.08 2.31
C LEU B 41 23.70 9.81 1.73
N SER B 42 22.87 8.88 1.29
CA SER B 42 23.38 7.67 0.69
C SER B 42 23.86 7.86 -0.74
N THR B 43 23.17 8.72 -1.49
CA THR B 43 23.56 9.01 -2.85
C THR B 43 24.97 9.63 -2.83
N LEU B 44 25.22 10.54 -1.89
CA LEU B 44 26.56 11.18 -1.84
C LEU B 44 27.65 10.19 -1.48
N MET B 45 27.40 9.33 -0.51
CA MET B 45 28.39 8.32 -0.15
C MET B 45 28.70 7.37 -1.33
N LEU B 46 27.66 6.96 -2.05
CA LEU B 46 27.86 6.05 -3.16
C LEU B 46 28.69 6.70 -4.23
N ALA B 47 28.60 8.03 -4.35
CA ALA B 47 29.44 8.76 -5.31
C ALA B 47 30.91 8.94 -4.82
N GLY B 48 31.20 8.50 -3.58
CA GLY B 48 32.54 8.57 -3.01
C GLY B 48 32.81 9.81 -2.18
N ILE B 49 31.76 10.58 -1.90
CA ILE B 49 31.91 11.83 -1.23
C ILE B 49 31.81 11.61 0.27
N ARG B 50 32.88 11.95 0.99
CA ARG B 50 32.90 11.84 2.46
C ARG B 50 32.85 13.15 3.23
N ASP B 51 33.01 14.27 2.55
CA ASP B 51 33.05 15.60 3.19
C ASP B 51 31.78 16.35 2.82
N ILE B 52 30.88 16.56 3.79
CA ILE B 52 29.53 16.98 3.48
C ILE B 52 28.98 18.02 4.41
N LEU B 53 28.38 19.01 3.79
CA LEU B 53 27.77 20.12 4.46
C LEU B 53 26.24 19.87 4.42
N ILE B 54 25.60 19.94 5.58
CA ILE B 54 24.13 19.87 5.65
C ILE B 54 23.63 21.26 5.96
N ILE B 55 22.72 21.77 5.11
CA ILE B 55 22.10 23.05 5.28
C ILE B 55 20.64 22.86 5.65
N SER B 56 20.28 23.40 6.81
CA SER B 56 18.91 23.25 7.29
C SER B 56 18.38 24.61 7.64
N THR B 57 17.17 24.63 8.18
CA THR B 57 16.67 25.88 8.72
C THR B 57 17.20 26.04 10.11
N PRO B 58 17.04 27.24 10.64
CA PRO B 58 17.54 27.55 11.99
C PRO B 58 16.96 26.58 13.01
N GLN B 59 15.67 26.35 12.85
CA GLN B 59 14.90 25.50 13.73
C GLN B 59 15.36 24.04 13.75
N ASP B 60 15.77 23.53 12.58
CA ASP B 60 15.98 22.11 12.37
C ASP B 60 17.40 21.63 12.59
N THR B 61 18.36 22.56 12.62
CA THR B 61 19.75 22.15 12.78
C THR B 61 20.05 21.19 13.92
N PRO B 62 19.59 21.49 15.12
CA PRO B 62 19.85 20.63 16.26
C PRO B 62 19.35 19.21 16.11
N ARG B 63 18.19 19.00 15.48
CA ARG B 63 17.70 17.65 15.32
C ARG B 63 18.54 16.89 14.31
N PHE B 64 18.96 17.56 13.24
CA PHE B 64 19.85 16.86 12.27
C PHE B 64 21.14 16.53 12.98
N GLN B 65 21.62 17.42 13.84
CA GLN B 65 22.87 17.07 14.51
C GLN B 65 22.69 15.93 15.49
N GLN B 66 21.55 15.92 16.18
CA GLN B 66 21.28 14.82 17.08
C GLN B 66 21.20 13.54 16.27
N LEU B 67 20.67 13.60 15.05
CA LEU B 67 20.64 12.37 14.30
C LEU B 67 22.02 11.94 13.77
N LEU B 68 22.74 12.87 13.16
CA LEU B 68 23.89 12.44 12.35
C LEU B 68 25.24 12.71 13.02
N GLY B 69 25.24 13.65 13.97
CA GLY B 69 26.51 14.05 14.61
C GLY B 69 27.53 14.55 13.58
N ASP B 70 28.81 14.20 13.75
CA ASP B 70 29.83 14.76 12.82
C ASP B 70 30.12 13.80 11.70
N GLY B 71 29.46 12.64 11.74
CA GLY B 71 29.61 11.68 10.68
C GLY B 71 30.72 10.67 10.88
N SER B 72 31.51 10.88 11.93
CA SER B 72 32.73 10.10 12.08
C SER B 72 32.40 8.65 12.33
N GLN B 73 31.23 8.39 12.92
CA GLN B 73 30.83 6.99 13.11
C GLN B 73 30.77 6.25 11.76
N TRP B 74 30.55 6.96 10.67
CA TRP B 74 30.43 6.31 9.37
C TRP B 74 31.61 6.67 8.45
N GLY B 75 32.70 7.14 9.04
CA GLY B 75 33.86 7.51 8.24
C GLY B 75 33.63 8.70 7.34
N LEU B 76 32.74 9.63 7.75
CA LEU B 76 32.42 10.82 6.99
C LEU B 76 32.88 12.01 7.84
N ASN B 77 32.78 13.18 7.27
CA ASN B 77 32.95 14.39 8.04
C ASN B 77 31.79 15.28 7.73
N LEU B 78 30.87 15.45 8.68
CA LEU B 78 29.68 16.23 8.42
C LEU B 78 29.76 17.57 9.10
N GLN B 79 29.36 18.60 8.38
CA GLN B 79 29.30 19.94 8.93
C GLN B 79 27.93 20.50 8.77
N TYR B 80 27.63 21.56 9.52
CA TYR B 80 26.31 22.15 9.43
C TYR B 80 26.29 23.67 9.22
N LYS B 81 25.43 24.14 8.32
CA LYS B 81 25.25 25.57 8.09
C LYS B 81 23.74 25.82 7.95
N VAL B 82 23.31 27.05 8.21
CA VAL B 82 21.89 27.33 8.25
C VAL B 82 21.44 28.18 7.07
N GLN B 83 20.22 27.95 6.60
CA GLN B 83 19.63 28.83 5.58
C GLN B 83 18.49 29.56 6.29
N PRO B 84 18.69 30.85 6.58
CA PRO B 84 17.71 31.65 7.32
C PRO B 84 16.32 31.57 6.71
N SER B 85 16.22 31.73 5.39
CA SER B 85 14.94 31.46 4.75
C SER B 85 15.07 30.83 3.36
N PRO B 86 14.01 30.18 2.93
CA PRO B 86 14.05 29.39 1.70
C PRO B 86 14.12 30.30 0.50
N ASP B 87 15.28 30.91 0.28
CA ASP B 87 15.43 31.89 -0.81
C ASP B 87 15.83 31.33 -2.17
N GLY B 88 15.96 30.00 -2.29
CA GLY B 88 16.31 29.43 -3.58
C GLY B 88 17.45 28.44 -3.37
N LEU B 89 17.50 27.39 -4.20
CA LEU B 89 18.49 26.36 -4.07
C LEU B 89 19.83 26.98 -4.27
N ALA B 90 19.91 27.96 -5.16
CA ALA B 90 21.22 28.49 -5.56
C ALA B 90 21.87 29.21 -4.39
N GLN B 91 21.09 29.46 -3.35
CA GLN B 91 21.67 30.03 -2.16
C GLN B 91 22.58 29.08 -1.45
N ALA B 92 22.45 27.79 -1.73
CA ALA B 92 23.33 26.81 -1.08
C ALA B 92 24.81 27.13 -1.33
N PHE B 93 25.12 27.58 -2.54
CA PHE B 93 26.51 27.83 -2.90
C PHE B 93 27.05 29.08 -2.23
N ILE B 94 26.17 30.00 -1.87
CA ILE B 94 26.60 31.19 -1.17
C ILE B 94 26.83 30.81 0.24
N ILE B 95 25.88 30.07 0.81
CA ILE B 95 26.02 29.66 2.20
C ILE B 95 27.24 28.75 2.35
N GLY B 96 27.52 27.96 1.32
CA GLY B 96 28.61 27.01 1.45
C GLY B 96 29.92 27.47 0.86
N GLU B 97 29.97 28.73 0.43
CA GLU B 97 31.15 29.20 -0.31
C GLU B 97 32.42 28.85 0.41
N GLU B 98 32.45 29.10 1.72
CA GLU B 98 33.67 28.81 2.48
C GLU B 98 33.99 27.32 2.62
N PHE B 99 32.99 26.50 2.93
CA PHE B 99 33.20 25.07 3.05
C PHE B 99 33.66 24.51 1.69
N ILE B 100 33.16 25.09 0.60
CA ILE B 100 33.60 24.60 -0.71
C ILE B 100 35.03 25.04 -1.16
N GLY B 101 35.39 26.28 -0.84
CA GLY B 101 36.72 26.80 -1.23
C GLY B 101 36.97 26.63 -2.70
N GLY B 102 38.09 26.01 -3.05
CA GLY B 102 38.38 25.88 -4.47
C GLY B 102 37.87 24.62 -5.13
N ASP B 103 37.03 23.85 -4.43
CA ASP B 103 36.72 22.51 -4.93
C ASP B 103 35.46 22.36 -5.77
N ASP B 104 35.36 21.19 -6.40
CA ASP B 104 34.14 20.79 -7.10
C ASP B 104 33.05 20.49 -6.00
N CYS B 105 31.78 20.51 -6.41
CA CYS B 105 30.60 20.51 -5.50
C CYS B 105 29.60 19.50 -6.07
N ALA B 106 28.93 18.72 -5.20
CA ALA B 106 27.73 17.92 -5.59
C ALA B 106 26.62 18.31 -4.59
N LEU B 107 25.56 18.93 -5.11
CA LEU B 107 24.41 19.36 -4.29
C LEU B 107 23.27 18.36 -4.48
N VAL B 108 22.69 17.87 -3.39
CA VAL B 108 21.55 16.95 -3.50
C VAL B 108 20.47 17.47 -2.55
N LEU B 109 19.23 17.50 -3.00
CA LEU B 109 18.17 17.94 -2.12
C LEU B 109 17.89 16.88 -1.06
N GLY B 110 17.62 17.33 0.15
CA GLY B 110 17.39 16.47 1.29
C GLY B 110 16.21 15.52 1.17
N ASP B 111 15.35 15.77 0.20
CA ASP B 111 14.20 14.88 -0.01
C ASP B 111 14.28 14.11 -1.32
N ASN B 112 15.47 14.03 -1.92
CA ASN B 112 15.58 13.29 -3.16
C ASN B 112 15.98 11.84 -2.95
N ILE B 113 15.15 10.92 -3.45
CA ILE B 113 15.37 9.50 -3.21
C ILE B 113 15.51 8.76 -4.52
N PHE B 114 16.70 8.22 -4.76
CA PHE B 114 16.98 7.49 -6.00
C PHE B 114 17.22 6.03 -5.67
N TYR B 115 16.73 5.16 -6.54
CA TYR B 115 16.94 3.73 -6.42
C TYR B 115 17.13 3.03 -7.75
N GLY B 116 18.20 2.23 -7.87
CA GLY B 116 18.32 1.44 -9.07
C GLY B 116 19.65 0.74 -9.28
N HIS B 117 19.66 -0.11 -10.28
CA HIS B 117 20.86 -0.88 -10.54
C HIS B 117 21.92 0.02 -11.24
N ASP B 118 23.14 0.00 -10.69
CA ASP B 118 24.30 0.66 -11.23
C ASP B 118 24.22 2.18 -11.05
N LEU B 119 23.61 2.60 -9.95
CA LEU B 119 23.53 4.03 -9.67
C LEU B 119 24.92 4.70 -9.52
N PRO B 120 25.88 4.07 -8.85
CA PRO B 120 27.23 4.65 -8.79
C PRO B 120 27.81 4.85 -10.20
N LYS B 121 27.69 3.87 -11.09
CA LYS B 121 28.08 4.04 -12.50
C LYS B 121 27.35 5.21 -13.18
N LEU B 122 26.04 5.32 -12.93
CA LEU B 122 25.28 6.44 -13.50
C LEU B 122 25.93 7.78 -13.20
N MET B 123 26.46 7.92 -11.98
CA MET B 123 27.05 9.16 -11.53
C MET B 123 28.55 9.23 -11.85
N GLU B 124 29.11 8.21 -12.50
CA GLU B 124 30.56 8.14 -12.60
C GLU B 124 31.11 9.25 -13.43
N ALA B 125 30.55 9.40 -14.61
CA ALA B 125 30.95 10.49 -15.48
C ALA B 125 30.82 11.81 -14.78
N ALA B 126 29.77 11.97 -13.98
CA ALA B 126 29.57 13.29 -13.35
C ALA B 126 30.67 13.58 -12.38
N VAL B 127 30.98 12.58 -11.58
CA VAL B 127 32.07 12.72 -10.61
C VAL B 127 33.44 13.00 -11.26
N ASN B 128 33.69 12.39 -12.40
CA ASN B 128 35.00 12.51 -13.06
C ASN B 128 35.13 13.69 -14.02
N LYS B 129 34.04 14.45 -14.18
CA LYS B 129 34.05 15.62 -15.04
C LYS B 129 34.92 16.69 -14.39
N GLU B 130 35.85 17.24 -15.17
CA GLU B 130 36.84 18.17 -14.65
C GLU B 130 36.28 19.59 -14.69
N SER B 131 35.49 19.90 -15.69
CA SER B 131 34.89 21.22 -15.70
C SER B 131 33.48 21.18 -16.26
N GLY B 132 32.68 22.14 -15.85
CA GLY B 132 31.31 22.20 -16.31
C GLY B 132 30.43 21.61 -15.23
N ALA B 133 29.23 21.21 -15.61
CA ALA B 133 28.19 20.77 -14.68
C ALA B 133 27.52 19.51 -15.24
N THR B 134 26.91 18.72 -14.36
CA THR B 134 26.16 17.54 -14.81
C THR B 134 24.87 17.51 -14.03
N VAL B 135 23.80 17.23 -14.75
CA VAL B 135 22.46 17.11 -14.17
C VAL B 135 21.85 15.84 -14.70
N PHE B 136 20.75 15.45 -14.08
CA PHE B 136 20.10 14.19 -14.38
C PHE B 136 18.67 14.46 -14.78
N ALA B 137 18.26 13.84 -15.88
CA ALA B 137 16.94 14.07 -16.43
C ALA B 137 16.09 12.81 -16.24
N TYR B 138 14.83 12.96 -15.87
CA TYR B 138 14.04 11.73 -15.65
C TYR B 138 12.64 12.03 -16.15
N HIS B 139 12.10 11.07 -16.86
CA HIS B 139 10.78 11.23 -17.45
C HIS B 139 9.71 11.16 -16.34
N VAL B 140 8.85 12.16 -16.27
CA VAL B 140 7.78 12.15 -15.25
C VAL B 140 6.45 12.44 -15.86
N ASN B 141 5.36 12.20 -15.14
CA ASN B 141 4.03 12.49 -15.69
C ASN B 141 3.62 13.96 -15.57
N ASP B 142 4.28 14.70 -14.67
CA ASP B 142 3.91 16.07 -14.35
C ASP B 142 5.10 17.05 -14.38
N PRO B 143 5.65 17.26 -15.56
CA PRO B 143 6.86 18.04 -15.73
C PRO B 143 6.67 19.46 -15.30
N GLU B 144 5.42 19.92 -15.26
CA GLU B 144 5.15 21.29 -14.84
C GLU B 144 5.51 21.54 -13.37
N ARG B 145 5.65 20.49 -12.57
CA ARG B 145 6.07 20.72 -11.19
C ARG B 145 7.59 20.92 -10.98
N TYR B 146 8.39 20.75 -12.03
CA TYR B 146 9.84 20.70 -11.90
C TYR B 146 10.61 21.63 -12.83
N GLY B 147 11.93 21.66 -12.67
CA GLY B 147 12.75 22.14 -13.77
C GLY B 147 12.66 21.13 -14.89
N VAL B 148 12.54 21.63 -16.14
CA VAL B 148 12.34 20.81 -17.30
C VAL B 148 13.40 21.07 -18.35
N VAL B 149 13.94 20.01 -18.93
CA VAL B 149 14.99 20.15 -19.94
C VAL B 149 14.43 19.65 -21.25
N GLU B 150 14.55 20.49 -22.27
CA GLU B 150 14.07 20.19 -23.61
C GLU B 150 15.19 19.67 -24.46
N PHE B 151 14.90 18.62 -25.20
CA PHE B 151 15.92 18.01 -26.03
C PHE B 151 15.63 18.24 -27.50
N ASP B 152 16.63 18.04 -28.34
CA ASP B 152 16.45 18.31 -29.74
C ASP B 152 16.33 17.01 -30.51
N LYS B 153 15.92 17.11 -31.76
CA LYS B 153 15.70 15.92 -32.55
C LYS B 153 16.86 14.94 -32.40
N ASN B 154 18.04 15.45 -32.09
CA ASN B 154 19.22 14.59 -32.03
C ASN B 154 19.66 14.19 -30.61
N GLY B 155 18.89 14.60 -29.60
CA GLY B 155 19.16 14.22 -28.23
C GLY B 155 19.95 15.19 -27.36
N THR B 156 20.11 16.42 -27.85
CA THR B 156 20.89 17.45 -27.15
C THR B 156 20.01 18.32 -26.29
N ALA B 157 20.45 18.63 -25.08
CA ALA B 157 19.66 19.48 -24.20
C ALA B 157 19.67 20.84 -24.86
N ILE B 158 18.51 21.41 -25.15
CA ILE B 158 18.52 22.75 -25.77
C ILE B 158 17.86 23.89 -25.00
N SER B 159 16.97 23.58 -24.07
CA SER B 159 16.37 24.62 -23.24
C SER B 159 16.09 24.06 -21.85
N LEU B 160 16.14 24.93 -20.85
CA LEU B 160 15.72 24.61 -19.48
C LEU B 160 14.71 25.63 -19.04
N GLU B 161 13.65 25.17 -18.40
CA GLU B 161 12.66 26.08 -17.90
C GLU B 161 12.24 25.62 -16.54
N GLU B 162 12.02 26.56 -15.65
CA GLU B 162 11.61 26.25 -14.31
C GLU B 162 10.09 26.25 -14.15
N LYS B 163 9.56 25.09 -13.77
CA LYS B 163 8.12 24.94 -13.56
C LYS B 163 7.31 25.76 -14.54
N PRO B 164 7.42 25.37 -15.79
CA PRO B 164 6.72 26.01 -16.90
C PRO B 164 5.25 25.59 -16.99
N LEU B 165 4.42 26.54 -17.40
CA LEU B 165 3.01 26.24 -17.57
C LEU B 165 2.80 25.39 -18.81
N GLU B 166 3.70 25.50 -19.78
CA GLU B 166 3.59 24.70 -20.98
C GLU B 166 4.91 23.97 -21.27
N PRO B 167 5.15 22.86 -20.57
CA PRO B 167 6.42 22.15 -20.71
C PRO B 167 6.79 21.75 -22.13
N LYS B 168 8.06 21.85 -22.47
CA LYS B 168 8.47 21.43 -23.79
C LYS B 168 8.83 19.96 -23.88
N SER B 169 8.85 19.29 -22.72
CA SER B 169 9.05 17.85 -22.71
C SER B 169 8.61 17.29 -21.37
N ASN B 170 8.79 16.00 -21.17
CA ASN B 170 8.37 15.38 -19.91
C ASN B 170 9.57 15.01 -19.08
N TYR B 171 10.71 15.61 -19.37
CA TYR B 171 11.89 15.26 -18.61
C TYR B 171 12.18 16.28 -17.54
N ALA B 172 12.13 15.84 -16.29
CA ALA B 172 12.38 16.74 -15.18
C ALA B 172 13.87 16.67 -14.89
N VAL B 173 14.43 17.75 -14.38
CA VAL B 173 15.80 17.72 -13.95
C VAL B 173 15.77 17.39 -12.43
N THR B 174 16.38 16.30 -12.01
CA THR B 174 16.28 15.78 -10.64
C THR B 174 17.02 16.67 -9.63
N GLY B 175 16.94 16.35 -8.35
CA GLY B 175 17.55 17.26 -7.39
C GLY B 175 18.98 16.87 -7.01
N LEU B 176 19.71 16.35 -7.97
CA LEU B 176 21.11 15.95 -7.76
C LEU B 176 21.93 16.71 -8.82
N TYR B 177 22.89 17.50 -8.36
CA TYR B 177 23.63 18.36 -9.28
C TYR B 177 25.14 18.31 -9.03
N PHE B 178 25.95 18.19 -10.09
CA PHE B 178 27.38 18.18 -9.93
C PHE B 178 27.94 19.44 -10.65
N TYR B 179 28.80 20.19 -9.97
CA TYR B 179 29.33 21.48 -10.47
C TYR B 179 30.81 21.54 -10.28
N ASP B 180 31.45 22.33 -11.14
CA ASP B 180 32.87 22.62 -10.94
C ASP B 180 32.95 23.85 -10.04
N ASN B 181 34.16 24.40 -9.84
CA ASN B 181 34.32 25.51 -8.93
C ASN B 181 33.72 26.84 -9.43
N ASP B 182 33.25 26.87 -10.67
CA ASP B 182 32.64 28.08 -11.20
C ASP B 182 31.31 28.50 -10.57
N VAL B 183 30.60 27.56 -9.95
CA VAL B 183 29.22 27.82 -9.51
C VAL B 183 28.98 28.83 -8.41
N VAL B 184 29.91 28.98 -7.49
CA VAL B 184 29.68 29.84 -6.38
C VAL B 184 29.61 31.26 -6.90
N GLN B 185 30.40 31.55 -7.90
CA GLN B 185 30.47 32.93 -8.41
C GLN B 185 29.23 33.17 -9.25
N MET B 186 28.79 32.14 -9.96
CA MET B 186 27.55 32.24 -10.70
C MET B 186 26.44 32.50 -9.73
N ALA B 187 26.46 31.80 -8.59
CA ALA B 187 25.35 31.97 -7.66
C ALA B 187 25.36 33.37 -7.14
N LYS B 188 26.55 33.83 -6.75
CA LYS B 188 26.72 35.17 -6.19
C LYS B 188 26.29 36.30 -7.14
N ASN B 189 26.33 36.05 -8.44
CA ASN B 189 25.88 37.03 -9.45
C ASN B 189 24.39 36.88 -9.86
N LEU B 190 23.65 35.94 -9.27
CA LEU B 190 22.24 35.79 -9.64
C LEU B 190 21.33 36.82 -8.98
N LYS B 191 20.28 37.17 -9.68
CA LYS B 191 19.22 37.98 -9.10
C LYS B 191 17.97 37.12 -8.99
N PRO B 192 17.18 37.36 -7.97
CA PRO B 192 15.95 36.61 -7.79
C PRO B 192 15.08 36.65 -9.04
N SER B 193 14.30 35.60 -9.21
CA SER B 193 13.29 35.47 -10.24
C SER B 193 12.09 36.30 -9.81
N ALA B 194 11.03 36.23 -10.60
CA ALA B 194 9.80 36.93 -10.29
C ALA B 194 9.28 36.45 -8.94
N ARG B 195 9.33 35.13 -8.75
CA ARG B 195 8.85 34.57 -7.49
C ARG B 195 9.80 34.86 -6.33
N GLY B 196 10.91 35.52 -6.64
CA GLY B 196 11.82 35.96 -5.60
C GLY B 196 12.80 34.93 -5.09
N GLU B 197 13.10 33.92 -5.89
CA GLU B 197 14.09 32.91 -5.50
C GLU B 197 15.34 32.97 -6.37
N LEU B 198 16.47 32.58 -5.79
CA LEU B 198 17.70 32.40 -6.55
C LEU B 198 17.61 30.98 -7.13
N GLU B 199 17.43 30.87 -8.45
CA GLU B 199 17.03 29.60 -9.08
C GLU B 199 18.21 28.73 -9.50
N ILE B 200 18.18 27.43 -9.17
CA ILE B 200 19.21 26.49 -9.63
C ILE B 200 19.06 26.35 -11.14
N THR B 201 17.85 26.53 -11.62
CA THR B 201 17.66 26.44 -13.08
C THR B 201 18.45 27.51 -13.84
N ASP B 202 18.63 28.66 -13.21
CA ASP B 202 19.36 29.77 -13.84
C ASP B 202 20.83 29.44 -13.91
N ILE B 203 21.35 28.84 -12.85
CA ILE B 203 22.71 28.35 -12.88
C ILE B 203 22.91 27.32 -13.96
N ASN B 204 21.99 26.36 -14.07
CA ASN B 204 22.17 25.33 -15.09
C ASN B 204 22.08 25.93 -16.50
N ARG B 205 21.31 26.97 -16.66
CA ARG B 205 21.10 27.52 -17.99
C ARG B 205 22.42 28.17 -18.46
N ILE B 206 23.11 28.79 -17.53
CA ILE B 206 24.35 29.44 -17.85
C ILE B 206 25.34 28.40 -18.33
N TYR B 207 25.32 27.24 -17.69
CA TYR B 207 26.26 26.21 -18.06
C TYR B 207 25.88 25.67 -19.43
N LEU B 208 24.58 25.53 -19.66
CA LEU B 208 24.04 25.05 -20.94
C LEU B 208 24.57 26.06 -21.99
N GLU B 209 24.17 27.30 -21.82
CA GLU B 209 24.65 28.42 -22.67
C GLU B 209 26.13 28.35 -23.06
N GLN B 210 26.99 27.96 -22.12
CA GLN B 210 28.41 27.87 -22.40
C GLN B 210 28.83 26.57 -23.05
N GLY B 211 27.89 25.66 -23.21
CA GLY B 211 28.24 24.37 -23.79
C GLY B 211 28.93 23.47 -22.77
N ARG B 212 28.68 23.77 -21.51
CA ARG B 212 29.37 23.06 -20.43
C ARG B 212 28.48 22.22 -19.50
N LEU B 213 27.20 22.09 -19.86
CA LEU B 213 26.25 21.21 -19.10
C LEU B 213 26.10 19.84 -19.72
N SER B 214 26.42 18.78 -18.96
CA SER B 214 26.10 17.43 -19.35
C SER B 214 24.73 17.06 -18.73
N VAL B 215 23.88 16.41 -19.51
CA VAL B 215 22.55 16.02 -19.04
C VAL B 215 22.46 14.51 -19.20
N ALA B 216 22.63 13.79 -18.08
CA ALA B 216 22.66 12.34 -18.09
C ALA B 216 21.24 11.79 -17.94
N LEU B 217 20.90 10.85 -18.80
CA LEU B 217 19.53 10.38 -18.78
C LEU B 217 19.40 9.29 -17.75
N MET B 218 18.41 9.46 -16.89
CA MET B 218 18.12 8.45 -15.89
C MET B 218 16.94 7.67 -16.46
N GLY B 219 17.20 6.44 -16.90
CA GLY B 219 16.18 5.58 -17.50
C GLY B 219 14.95 5.17 -16.68
N ARG B 220 13.99 4.55 -17.35
CA ARG B 220 12.78 4.19 -16.68
C ARG B 220 13.02 3.06 -15.67
N GLY B 221 14.22 2.48 -15.71
CA GLY B 221 14.54 1.35 -14.84
C GLY B 221 14.99 1.90 -13.49
N TYR B 222 15.20 3.20 -13.40
CA TYR B 222 15.53 3.83 -12.11
C TYR B 222 14.27 4.36 -11.45
N ALA B 223 14.26 4.39 -10.12
CA ALA B 223 13.12 4.96 -9.44
C ALA B 223 13.62 6.26 -8.81
N TRP B 224 12.86 7.34 -9.00
CA TRP B 224 13.17 8.58 -8.34
C TRP B 224 11.85 8.88 -7.59
N LEU B 225 11.81 8.63 -6.30
CA LEU B 225 10.54 8.63 -5.55
C LEU B 225 10.06 10.02 -5.20
N ASP B 226 8.79 10.31 -5.47
CA ASP B 226 8.20 11.60 -5.12
C ASP B 226 7.99 11.71 -3.59
N THR B 227 8.37 12.82 -2.98
CA THR B 227 8.11 13.02 -1.55
C THR B 227 7.31 14.30 -1.36
N GLY B 228 6.60 14.75 -2.38
CA GLY B 228 5.94 16.04 -2.25
C GLY B 228 4.61 16.08 -1.48
N THR B 229 3.90 14.96 -1.37
CA THR B 229 2.60 14.95 -0.72
C THR B 229 2.56 13.88 0.35
N HIS B 230 1.53 13.92 1.21
CA HIS B 230 1.42 12.85 2.17
C HIS B 230 1.23 11.54 1.46
N GLN B 231 0.41 11.55 0.41
CA GLN B 231 0.16 10.30 -0.28
C GLN B 231 1.47 9.72 -0.85
N SER B 232 2.27 10.56 -1.49
CA SER B 232 3.51 10.03 -2.09
C SER B 232 4.50 9.55 -1.07
N LEU B 233 4.43 10.09 0.16
CA LEU B 233 5.29 9.58 1.21
C LEU B 233 4.93 8.17 1.53
N ILE B 234 3.63 7.91 1.61
CA ILE B 234 3.24 6.55 1.93
C ILE B 234 3.73 5.66 0.80
N GLU B 235 3.56 6.11 -0.44
CA GLU B 235 4.04 5.27 -1.56
C GLU B 235 5.55 5.03 -1.48
N ALA B 236 6.31 6.08 -1.18
CA ALA B 236 7.77 5.93 -1.05
C ALA B 236 8.13 4.89 -0.01
N SER B 237 7.44 4.97 1.15
CA SER B 237 7.68 3.99 2.19
C SER B 237 7.30 2.58 1.80
N ASN B 238 6.16 2.42 1.13
CA ASN B 238 5.80 1.12 0.69
C ASN B 238 6.75 0.55 -0.33
N PHE B 239 7.31 1.43 -1.14
CA PHE B 239 8.18 0.97 -2.24
C PHE B 239 9.46 0.42 -1.59
N ILE B 240 10.03 1.18 -0.66
CA ILE B 240 11.26 0.72 0.03
C ILE B 240 11.02 -0.57 0.83
N ALA B 241 9.91 -0.61 1.56
CA ALA B 241 9.56 -1.80 2.33
C ALA B 241 9.51 -3.05 1.47
N THR B 242 8.86 -2.94 0.31
CA THR B 242 8.73 -4.08 -0.64
C THR B 242 10.06 -4.62 -1.07
N ILE B 243 10.96 -3.73 -1.41
CA ILE B 243 12.31 -4.15 -1.75
C ILE B 243 13.02 -4.84 -0.60
N GLU B 244 13.05 -4.19 0.56
CA GLU B 244 13.86 -4.63 1.67
C GLU B 244 13.37 -5.94 2.23
N GLU B 245 12.07 -6.05 2.31
CA GLU B 245 11.55 -7.28 2.85
C GLU B 245 11.75 -8.45 1.89
N ARG B 246 11.64 -8.19 0.61
CA ARG B 246 11.97 -9.21 -0.35
C ARG B 246 13.43 -9.68 -0.36
N GLN B 247 14.36 -8.74 -0.26
CA GLN B 247 15.76 -9.05 -0.34
C GLN B 247 16.40 -9.43 0.95
N GLY B 248 15.80 -9.03 2.06
CA GLY B 248 16.51 -9.18 3.31
C GLY B 248 17.72 -8.22 3.32
N LEU B 249 17.67 -7.13 2.54
CA LEU B 249 18.77 -6.14 2.41
C LEU B 249 18.17 -4.74 2.61
N LYS B 250 18.95 -3.81 3.15
CA LYS B 250 18.44 -2.47 3.28
C LYS B 250 18.84 -1.55 2.12
N VAL B 251 17.94 -0.65 1.79
CA VAL B 251 18.16 0.35 0.78
C VAL B 251 18.67 1.59 1.49
N SER B 252 19.82 2.11 1.10
CA SER B 252 20.35 3.35 1.67
C SER B 252 20.67 3.32 3.16
N CYS B 253 21.34 2.26 3.59
CA CYS B 253 21.81 2.15 4.96
C CYS B 253 23.20 2.75 5.00
N PRO B 254 23.33 3.93 5.58
CA PRO B 254 24.62 4.64 5.56
C PRO B 254 25.73 3.77 6.18
N GLU B 255 25.45 3.03 7.24
CA GLU B 255 26.47 2.18 7.85
C GLU B 255 26.95 1.09 6.89
N GLU B 256 26.02 0.47 6.17
CA GLU B 256 26.36 -0.60 5.25
C GLU B 256 27.19 -0.04 4.11
N ILE B 257 26.77 1.09 3.55
CA ILE B 257 27.54 1.65 2.44
C ILE B 257 28.95 2.04 2.88
N ALA B 258 29.05 2.57 4.09
CA ALA B 258 30.35 3.00 4.61
C ALA B 258 31.24 1.80 4.71
N PHE B 259 30.65 0.71 5.22
CA PHE B 259 31.39 -0.51 5.37
C PHE B 259 31.83 -1.17 4.07
N ARG B 260 30.90 -1.31 3.14
CA ARG B 260 31.16 -1.91 1.83
C ARG B 260 32.15 -1.09 1.00
N LYS B 261 32.16 0.22 1.20
CA LYS B 261 33.11 1.07 0.46
C LYS B 261 34.46 1.25 1.19
N GLY B 262 34.60 0.63 2.35
CA GLY B 262 35.80 0.79 3.14
C GLY B 262 36.01 2.10 3.89
N PHE B 263 34.96 2.93 4.02
CA PHE B 263 35.03 4.12 4.87
C PHE B 263 35.29 3.73 6.32
N ILE B 264 34.66 2.63 6.76
CA ILE B 264 34.83 2.11 8.10
C ILE B 264 35.16 0.65 8.03
N ASP B 265 35.69 0.11 9.11
CA ASP B 265 36.08 -1.31 9.15
C ASP B 265 35.13 -2.13 10.02
N VAL B 266 35.28 -3.46 9.94
CA VAL B 266 34.39 -4.34 10.68
C VAL B 266 34.42 -4.08 12.15
N GLU B 267 35.58 -3.75 12.69
CA GLU B 267 35.57 -3.49 14.11
C GLU B 267 34.73 -2.25 14.43
N GLN B 268 34.67 -1.28 13.53
CA GLN B 268 33.84 -0.10 13.80
C GLN B 268 32.35 -0.45 13.62
N VAL B 269 32.05 -1.30 12.66
CA VAL B 269 30.63 -1.73 12.51
C VAL B 269 30.08 -2.43 13.78
N ARG B 270 30.85 -3.37 14.30
CA ARG B 270 30.40 -4.08 15.53
C ARG B 270 30.29 -3.15 16.71
N LYS B 271 31.16 -2.14 16.75
CA LYS B 271 31.06 -1.17 17.83
C LYS B 271 29.73 -0.43 17.71
N LEU B 272 29.30 -0.15 16.48
CA LEU B 272 28.04 0.57 16.26
C LEU B 272 26.85 -0.35 16.56
N ALA B 273 27.00 -1.61 16.23
CA ALA B 273 25.91 -2.56 16.33
C ALA B 273 25.54 -2.95 17.76
N VAL B 274 26.54 -3.03 18.64
CA VAL B 274 26.30 -3.59 19.99
C VAL B 274 25.30 -2.88 20.91
N PRO B 275 25.19 -1.56 20.77
CA PRO B 275 24.36 -0.75 21.64
C PRO B 275 22.96 -0.91 21.09
N LEU B 276 22.88 -1.38 19.85
CA LEU B 276 21.61 -1.45 19.09
C LEU B 276 21.16 -2.87 18.89
N ILE B 277 21.78 -3.79 19.58
CA ILE B 277 21.60 -5.21 19.28
C ILE B 277 20.17 -5.66 19.55
N LYS B 278 19.48 -4.97 20.44
CA LYS B 278 18.08 -5.30 20.72
C LYS B 278 17.04 -4.88 19.68
N ASN B 279 17.46 -4.23 18.59
CA ASN B 279 16.50 -3.84 17.59
C ASN B 279 16.85 -4.36 16.22
N ASN B 280 15.91 -4.34 15.29
CA ASN B 280 16.22 -4.97 14.01
C ASN B 280 17.39 -4.34 13.26
N TYR B 281 17.49 -3.04 13.39
CA TYR B 281 18.49 -2.29 12.63
C TYR B 281 19.81 -2.69 13.16
N GLY B 282 19.90 -2.76 14.48
CA GLY B 282 21.11 -3.22 15.12
C GLY B 282 21.48 -4.66 14.78
N GLN B 283 20.48 -5.51 14.58
CA GLN B 283 20.80 -6.88 14.22
C GLN B 283 21.27 -7.01 12.75
N TYR B 284 20.78 -6.15 11.87
CA TYR B 284 21.20 -6.19 10.48
C TYR B 284 22.65 -5.76 10.45
N LEU B 285 23.00 -4.73 11.21
CA LEU B 285 24.40 -4.28 11.17
C LEU B 285 25.32 -5.42 11.59
N TYR B 286 24.96 -6.08 12.68
CA TYR B 286 25.86 -7.08 13.25
C TYR B 286 26.06 -8.24 12.31
N LYS B 287 25.01 -8.65 11.64
CA LYS B 287 25.12 -9.78 10.73
C LYS B 287 26.03 -9.49 9.57
N GLN B 288 26.07 -8.23 9.16
CA GLN B 288 26.83 -7.93 7.96
C GLN B 288 28.33 -8.18 8.21
N THR B 289 28.70 -8.28 9.48
CA THR B 289 30.07 -8.58 9.92
C THR B 289 30.38 -10.08 10.04
N LYS B 290 29.56 -10.94 9.45
CA LYS B 290 29.78 -12.38 9.58
C LYS B 290 29.78 -13.18 8.28
N ASP B 291 28.97 -12.74 7.30
CA ASP B 291 28.87 -13.29 6.20
C ASP B 291 28.14 -12.47 5.13
N LYS C 2 15.05 -19.06 -37.23
CA LYS C 2 15.34 -17.60 -37.39
C LYS C 2 14.90 -16.75 -36.20
N MET C 3 13.60 -16.64 -35.92
CA MET C 3 13.20 -16.06 -34.63
C MET C 3 13.76 -17.00 -33.56
N ARG C 4 14.27 -16.40 -32.48
CA ARG C 4 14.72 -17.16 -31.31
C ARG C 4 13.48 -17.63 -30.54
N LYS C 5 13.63 -18.69 -29.75
CA LYS C 5 12.48 -19.36 -29.14
C LYS C 5 12.47 -19.25 -27.61
N GLY C 6 11.24 -19.26 -27.07
CA GLY C 6 11.08 -19.23 -25.62
C GLY C 6 9.77 -19.89 -25.22
N ILE C 7 9.71 -20.43 -24.00
CA ILE C 7 8.49 -21.07 -23.52
C ILE C 7 8.09 -20.31 -22.24
N ILE C 8 6.80 -19.98 -22.08
CA ILE C 8 6.28 -19.43 -20.78
C ILE C 8 5.48 -20.54 -20.18
N LEU C 9 5.84 -20.94 -18.97
CA LEU C 9 5.11 -22.02 -18.37
C LEU C 9 4.08 -21.35 -17.44
N ALA C 10 2.81 -21.50 -17.75
CA ALA C 10 1.78 -20.70 -17.11
C ALA C 10 0.61 -21.55 -16.67
N GLY C 11 0.91 -22.73 -16.16
CA GLY C 11 -0.09 -23.66 -15.63
C GLY C 11 -0.01 -23.71 -14.12
N GLY C 12 -0.02 -24.91 -13.55
CA GLY C 12 0.00 -25.09 -12.10
C GLY C 12 -1.40 -25.04 -11.52
N SER C 13 -1.58 -25.59 -10.32
CA SER C 13 -2.88 -25.61 -9.66
C SER C 13 -3.27 -24.27 -8.99
N GLY C 14 -2.27 -23.54 -8.49
CA GLY C 14 -2.51 -22.29 -7.78
C GLY C 14 -3.17 -22.52 -6.42
N THR C 15 -2.99 -23.71 -5.87
CA THR C 15 -3.53 -24.06 -4.52
C THR C 15 -3.31 -23.04 -3.41
N ARG C 16 -2.09 -22.56 -3.31
CA ARG C 16 -1.68 -21.62 -2.27
C ARG C 16 -2.47 -20.32 -2.32
N LEU C 17 -3.01 -19.98 -3.49
CA LEU C 17 -3.80 -18.77 -3.61
C LEU C 17 -5.32 -18.98 -3.58
N TYR C 18 -5.81 -20.18 -3.24
CA TYR C 18 -7.28 -20.36 -3.18
C TYR C 18 -7.82 -19.41 -2.11
N PRO C 19 -9.06 -18.98 -2.23
CA PRO C 19 -9.96 -19.37 -3.31
C PRO C 19 -9.90 -18.40 -4.53
N VAL C 20 -8.97 -17.46 -4.51
CA VAL C 20 -8.80 -16.52 -5.64
C VAL C 20 -8.46 -17.33 -6.92
N THR C 21 -7.62 -18.34 -6.82
CA THR C 21 -7.27 -19.06 -8.07
C THR C 21 -8.20 -20.24 -8.36
N MET C 22 -9.30 -20.39 -7.61
CA MET C 22 -10.31 -21.33 -8.10
C MET C 22 -11.06 -20.59 -9.18
N ALA C 23 -11.10 -19.27 -9.04
CA ALA C 23 -11.83 -18.40 -9.96
C ALA C 23 -11.03 -18.02 -11.22
N VAL C 24 -9.73 -17.80 -11.06
CA VAL C 24 -8.95 -17.33 -12.21
C VAL C 24 -7.49 -17.85 -12.09
N SER C 25 -6.93 -18.31 -13.21
CA SER C 25 -5.53 -18.72 -13.23
C SER C 25 -4.61 -17.66 -12.62
N LYS C 26 -3.64 -18.09 -11.84
CA LYS C 26 -2.71 -17.17 -11.21
C LYS C 26 -2.12 -16.23 -12.24
N GLN C 27 -1.76 -16.78 -13.41
CA GLN C 27 -1.09 -15.96 -14.42
C GLN C 27 -2.01 -15.01 -15.21
N LEU C 28 -3.30 -14.98 -14.87
CA LEU C 28 -4.20 -13.95 -15.44
C LEU C 28 -4.54 -12.92 -14.35
N LEU C 29 -4.10 -13.09 -13.12
CA LEU C 29 -4.38 -12.06 -12.07
C LEU C 29 -3.74 -10.73 -12.47
N PRO C 30 -4.37 -9.63 -12.08
CA PRO C 30 -3.76 -8.32 -12.36
C PRO C 30 -2.55 -8.06 -11.50
N ILE C 31 -1.56 -7.44 -12.13
CA ILE C 31 -0.47 -6.85 -11.38
C ILE C 31 -0.57 -5.41 -11.78
N TYR C 32 -1.25 -4.68 -10.92
CA TYR C 32 -1.70 -3.34 -11.23
C TYR C 32 -2.64 -3.26 -12.42
N ASP C 33 -2.12 -2.93 -13.61
CA ASP C 33 -2.95 -2.63 -14.75
C ASP C 33 -2.84 -3.61 -15.92
N LYS C 34 -2.23 -4.78 -15.73
CA LYS C 34 -2.03 -5.78 -16.80
C LYS C 34 -2.10 -7.14 -16.15
N PRO C 35 -2.47 -8.18 -16.89
CA PRO C 35 -2.44 -9.54 -16.34
C PRO C 35 -1.02 -9.94 -16.09
N MET C 36 -0.82 -10.83 -15.14
CA MET C 36 0.50 -11.25 -14.74
C MET C 36 1.37 -11.74 -15.94
N ILE C 37 0.78 -12.44 -16.88
CA ILE C 37 1.58 -13.00 -18.00
C ILE C 37 2.16 -11.97 -18.98
N TYR C 38 1.75 -10.72 -18.90
CA TYR C 38 2.39 -9.71 -19.74
C TYR C 38 3.80 -9.50 -19.28
N TYR C 39 4.06 -9.79 -18.01
CA TYR C 39 5.38 -9.48 -17.45
C TYR C 39 6.50 -10.41 -17.96
N PRO C 40 6.32 -11.71 -17.88
CA PRO C 40 7.34 -12.69 -18.36
C PRO C 40 7.32 -12.66 -19.87
N LEU C 41 6.18 -12.35 -20.49
CA LEU C 41 6.15 -12.16 -21.94
C LEU C 41 7.09 -10.99 -22.35
N SER C 42 6.99 -9.89 -21.60
CA SER C 42 7.84 -8.72 -21.86
C SER C 42 9.30 -9.07 -21.65
N THR C 43 9.57 -9.97 -20.73
CA THR C 43 10.98 -10.28 -20.46
C THR C 43 11.58 -10.99 -21.71
N LEU C 44 10.86 -11.95 -22.24
CA LEU C 44 11.31 -12.68 -23.44
C LEU C 44 11.46 -11.70 -24.61
N MET C 45 10.47 -10.84 -24.79
CA MET C 45 10.56 -9.90 -25.90
C MET C 45 11.81 -9.01 -25.74
N LEU C 46 12.07 -8.52 -24.53
CA LEU C 46 13.26 -7.73 -24.30
C LEU C 46 14.56 -8.52 -24.55
N ALA C 47 14.53 -9.85 -24.44
CA ALA C 47 15.71 -10.66 -24.75
C ALA C 47 15.83 -10.85 -26.26
N GLY C 48 14.82 -10.37 -26.98
CA GLY C 48 14.73 -10.51 -28.41
C GLY C 48 14.12 -11.83 -28.85
N ILE C 49 13.39 -12.48 -27.95
CA ILE C 49 12.77 -13.79 -28.30
C ILE C 49 11.40 -13.50 -28.81
N ARG C 50 11.10 -13.93 -30.04
CA ARG C 50 9.82 -13.64 -30.65
C ARG C 50 8.94 -14.85 -30.96
N ASP C 51 9.48 -16.07 -30.91
CA ASP C 51 8.69 -17.28 -31.21
C ASP C 51 8.49 -17.94 -29.87
N ILE C 52 7.26 -17.93 -29.38
CA ILE C 52 7.07 -18.31 -27.98
C ILE C 52 5.99 -19.34 -27.81
N LEU C 53 6.25 -20.34 -27.00
CA LEU C 53 5.24 -21.35 -26.77
C LEU C 53 4.71 -21.08 -25.37
N ILE C 54 3.37 -21.00 -25.25
CA ILE C 54 2.72 -20.80 -23.95
C ILE C 54 2.05 -22.11 -23.54
N ILE C 55 2.42 -22.61 -22.36
CA ILE C 55 1.92 -23.89 -21.84
C ILE C 55 1.04 -23.63 -20.61
N SER C 56 -0.15 -24.20 -20.61
CA SER C 56 -1.03 -23.94 -19.47
C SER C 56 -1.86 -25.17 -19.20
N THR C 57 -2.82 -25.05 -18.29
CA THR C 57 -3.69 -26.21 -18.00
C THR C 57 -4.71 -26.38 -19.09
N PRO C 58 -5.40 -27.51 -19.09
CA PRO C 58 -6.48 -27.72 -20.06
C PRO C 58 -7.54 -26.65 -19.99
N GLN C 59 -7.86 -26.19 -18.80
CA GLN C 59 -8.89 -25.17 -18.73
C GLN C 59 -8.40 -23.79 -19.13
N ASP C 60 -7.15 -23.49 -18.77
CA ASP C 60 -6.66 -22.12 -18.95
C ASP C 60 -6.04 -21.79 -20.31
N THR C 61 -5.51 -22.78 -21.00
CA THR C 61 -4.84 -22.47 -22.27
C THR C 61 -5.75 -21.60 -23.13
N PRO C 62 -6.98 -22.05 -23.30
CA PRO C 62 -7.94 -21.32 -24.10
C PRO C 62 -8.09 -19.88 -23.65
N ARG C 63 -8.00 -19.61 -22.36
CA ARG C 63 -8.14 -18.22 -21.89
C ARG C 63 -6.91 -17.46 -22.35
N PHE C 64 -5.73 -18.06 -22.24
CA PHE C 64 -4.55 -17.35 -22.74
C PHE C 64 -4.58 -17.11 -24.23
N GLN C 65 -5.15 -18.06 -24.95
CA GLN C 65 -5.24 -17.92 -26.39
C GLN C 65 -6.21 -16.81 -26.70
N GLN C 66 -7.25 -16.66 -25.89
CA GLN C 66 -8.13 -15.49 -26.08
C GLN C 66 -7.44 -14.18 -25.71
N LEU C 67 -6.61 -14.16 -24.67
CA LEU C 67 -5.92 -12.92 -24.34
C LEU C 67 -4.89 -12.45 -25.40
N LEU C 68 -4.09 -13.39 -25.93
CA LEU C 68 -2.89 -13.05 -26.66
C LEU C 68 -2.94 -13.42 -28.18
N GLY C 69 -3.82 -14.34 -28.55
CA GLY C 69 -3.99 -14.67 -29.94
C GLY C 69 -2.73 -15.31 -30.47
N ASP C 70 -2.44 -15.10 -31.75
CA ASP C 70 -1.30 -15.77 -32.36
C ASP C 70 -0.09 -14.90 -32.22
N GLY C 71 -0.28 -13.69 -31.70
CA GLY C 71 0.87 -12.82 -31.45
C GLY C 71 1.29 -11.89 -32.59
N SER C 72 0.75 -12.13 -33.81
CA SER C 72 1.13 -11.33 -34.99
C SER C 72 0.88 -9.85 -34.82
N GLN C 73 -0.19 -9.50 -34.10
CA GLN C 73 -0.48 -8.07 -33.79
C GLN C 73 0.70 -7.36 -33.13
N TRP C 74 1.56 -8.12 -32.45
CA TRP C 74 2.70 -7.54 -31.76
C TRP C 74 4.02 -8.06 -32.36
N GLY C 75 3.93 -8.63 -33.56
CA GLY C 75 5.13 -9.10 -34.23
C GLY C 75 5.78 -10.30 -33.62
N LEU C 76 5.00 -11.11 -32.93
CA LEU C 76 5.49 -12.33 -32.33
C LEU C 76 4.84 -13.48 -33.07
N ASN C 77 5.28 -14.69 -32.78
CA ASN C 77 4.50 -15.85 -33.19
C ASN C 77 4.27 -16.67 -31.93
N LEU C 78 3.01 -16.69 -31.48
CA LEU C 78 2.70 -17.45 -30.26
C LEU C 78 2.03 -18.76 -30.63
N GLN C 79 2.29 -19.81 -29.87
CA GLN C 79 1.57 -21.05 -30.04
C GLN C 79 1.31 -21.58 -28.66
N TYR C 80 0.56 -22.66 -28.56
CA TYR C 80 0.07 -23.04 -27.26
C TYR C 80 0.02 -24.51 -27.08
N LYS C 81 0.25 -24.98 -25.86
CA LYS C 81 0.09 -26.43 -25.63
C LYS C 81 -0.44 -26.60 -24.24
N VAL C 82 -1.03 -27.77 -23.99
CA VAL C 82 -1.55 -28.07 -22.66
C VAL C 82 -0.64 -29.00 -21.89
N GLN C 83 -0.48 -28.69 -20.61
CA GLN C 83 0.11 -29.62 -19.68
C GLN C 83 -1.04 -30.24 -18.88
N PRO C 84 -1.35 -31.49 -19.18
CA PRO C 84 -2.46 -32.22 -18.54
C PRO C 84 -2.42 -32.20 -17.00
N SER C 85 -1.23 -32.22 -16.41
CA SER C 85 -1.07 -32.14 -14.94
C SER C 85 0.26 -31.45 -14.60
N PRO C 86 0.35 -30.78 -13.46
CA PRO C 86 1.56 -30.01 -13.15
C PRO C 86 2.64 -30.92 -12.62
N ASP C 87 3.25 -31.72 -13.48
CA ASP C 87 4.26 -32.71 -13.09
C ASP C 87 5.71 -32.19 -13.04
N GLY C 88 5.90 -30.88 -13.19
CA GLY C 88 7.22 -30.29 -12.96
C GLY C 88 7.57 -29.29 -14.05
N LEU C 89 8.47 -28.34 -13.77
CA LEU C 89 8.85 -27.33 -14.78
C LEU C 89 9.61 -27.94 -15.96
N ALA C 90 10.34 -29.02 -15.69
CA ALA C 90 11.09 -29.71 -16.72
C ALA C 90 10.19 -30.36 -17.77
N GLN C 91 8.94 -30.62 -17.44
CA GLN C 91 8.05 -31.18 -18.48
C GLN C 91 7.86 -30.20 -19.59
N ALA C 92 8.16 -28.94 -19.32
CA ALA C 92 8.05 -27.94 -20.37
C ALA C 92 8.84 -28.35 -21.59
N PHE C 93 10.00 -28.97 -21.40
CA PHE C 93 10.81 -29.28 -22.59
C PHE C 93 10.29 -30.54 -23.29
N ILE C 94 9.66 -31.43 -22.53
CA ILE C 94 9.09 -32.62 -23.14
C ILE C 94 7.88 -32.26 -23.97
N ILE C 95 6.96 -31.48 -23.38
CA ILE C 95 5.83 -30.95 -24.13
C ILE C 95 6.23 -30.07 -25.31
N GLY C 96 7.29 -29.28 -25.15
CA GLY C 96 7.70 -28.38 -26.21
C GLY C 96 8.83 -28.94 -27.11
N GLU C 97 9.07 -30.24 -27.04
CA GLU C 97 10.14 -30.81 -27.88
C GLU C 97 10.00 -30.53 -29.38
N GLU C 98 8.79 -30.65 -29.90
CA GLU C 98 8.56 -30.40 -31.33
C GLU C 98 8.67 -28.92 -31.69
N PHE C 99 8.17 -28.05 -30.82
CA PHE C 99 8.36 -26.62 -30.98
C PHE C 99 9.86 -26.28 -31.01
N ILE C 100 10.61 -26.84 -30.07
CA ILE C 100 12.01 -26.46 -29.94
C ILE C 100 12.89 -26.91 -31.15
N GLY C 101 12.64 -28.11 -31.64
CA GLY C 101 13.47 -28.67 -32.70
C GLY C 101 14.93 -28.82 -32.27
N GLY C 102 15.84 -28.29 -33.07
CA GLY C 102 17.26 -28.35 -32.77
C GLY C 102 17.77 -26.99 -32.29
N ASP C 103 16.86 -26.13 -31.85
CA ASP C 103 17.24 -24.78 -31.50
C ASP C 103 17.49 -24.61 -29.99
N ASP C 104 18.15 -23.53 -29.62
CA ASP C 104 18.26 -23.16 -28.21
C ASP C 104 16.86 -22.71 -27.78
N CYS C 105 16.64 -22.67 -26.48
CA CYS C 105 15.33 -22.20 -26.05
C CYS C 105 15.46 -21.56 -24.67
N ALA C 106 14.66 -20.53 -24.38
CA ALA C 106 14.59 -19.92 -23.02
C ALA C 106 13.35 -20.46 -22.32
N LEU C 107 13.35 -20.48 -20.98
CA LEU C 107 12.12 -20.80 -20.28
C LEU C 107 11.92 -19.70 -19.25
N VAL C 108 10.71 -19.15 -19.21
CA VAL C 108 10.38 -18.19 -18.16
C VAL C 108 9.07 -18.63 -17.46
N LEU C 109 9.00 -18.50 -16.15
CA LEU C 109 7.81 -19.00 -15.46
C LEU C 109 6.81 -17.91 -15.62
N GLY C 110 5.54 -18.31 -15.65
CA GLY C 110 4.49 -17.37 -15.93
C GLY C 110 4.26 -16.39 -14.79
N ASP C 111 4.82 -16.68 -13.62
CA ASP C 111 4.71 -15.76 -12.48
C ASP C 111 5.98 -14.94 -12.14
N ASN C 112 6.94 -14.94 -13.05
CA ASN C 112 8.21 -14.24 -12.81
C ASN C 112 8.11 -12.77 -13.23
N ILE C 113 8.34 -11.82 -12.32
CA ILE C 113 8.30 -10.38 -12.67
C ILE C 113 9.61 -9.77 -12.34
N PHE C 114 10.29 -9.24 -13.35
CA PHE C 114 11.51 -8.50 -13.09
C PHE C 114 11.36 -7.05 -13.49
N TYR C 115 12.09 -6.16 -12.84
CA TYR C 115 12.17 -4.81 -13.32
C TYR C 115 13.47 -4.20 -12.88
N GLY C 116 14.07 -3.44 -13.77
CA GLY C 116 15.17 -2.55 -13.37
C GLY C 116 15.94 -2.03 -14.56
N HIS C 117 17.00 -1.29 -14.30
CA HIS C 117 17.78 -0.64 -15.34
C HIS C 117 18.71 -1.64 -16.05
N ASP C 118 18.73 -1.63 -17.37
CA ASP C 118 19.64 -2.49 -18.13
C ASP C 118 19.32 -3.98 -18.12
N LEU C 119 18.06 -4.31 -17.89
CA LEU C 119 17.61 -5.69 -17.97
C LEU C 119 18.07 -6.42 -19.24
N PRO C 120 17.89 -5.84 -20.43
CA PRO C 120 18.39 -6.49 -21.67
C PRO C 120 19.86 -6.81 -21.62
N LYS C 121 20.66 -5.90 -21.12
CA LYS C 121 22.11 -6.17 -21.05
C LYS C 121 22.43 -7.25 -20.00
N LEU C 122 21.63 -7.35 -18.98
CA LEU C 122 21.79 -8.43 -18.01
C LEU C 122 21.59 -9.77 -18.70
N MET C 123 20.73 -9.81 -19.70
CA MET C 123 20.41 -11.06 -20.34
C MET C 123 21.33 -11.38 -21.52
N GLU C 124 22.03 -10.36 -21.99
CA GLU C 124 22.72 -10.43 -23.27
C GLU C 124 23.71 -11.60 -23.35
N ALA C 125 24.58 -11.72 -22.35
CA ALA C 125 25.50 -12.86 -22.38
C ALA C 125 24.75 -14.19 -22.45
N ALA C 126 23.61 -14.28 -21.76
CA ALA C 126 22.91 -15.56 -21.72
C ALA C 126 22.34 -15.85 -23.12
N VAL C 127 21.78 -14.81 -23.72
CA VAL C 127 21.14 -14.96 -25.03
C VAL C 127 22.17 -15.39 -26.10
N ASN C 128 23.40 -14.93 -25.96
CA ASN C 128 24.39 -15.20 -27.02
C ASN C 128 25.28 -16.39 -26.66
N LYS C 129 24.98 -17.05 -25.56
CA LYS C 129 25.83 -18.19 -25.21
C LYS C 129 25.66 -19.26 -26.27
N GLU C 130 26.77 -19.86 -26.66
CA GLU C 130 26.79 -20.91 -27.65
C GLU C 130 26.45 -22.26 -27.06
N SER C 131 27.05 -22.59 -25.93
CA SER C 131 26.97 -23.91 -25.32
C SER C 131 26.66 -23.74 -23.83
N GLY C 132 25.74 -24.52 -23.30
CA GLY C 132 25.60 -24.49 -21.85
C GLY C 132 24.25 -23.86 -21.46
N ALA C 133 24.19 -23.34 -20.23
CA ALA C 133 22.93 -22.80 -19.76
C ALA C 133 23.23 -21.58 -18.88
N THR C 134 22.24 -20.69 -18.70
CA THR C 134 22.51 -19.55 -17.81
C THR C 134 21.23 -19.38 -16.96
N VAL C 135 21.43 -19.13 -15.68
CA VAL C 135 20.33 -18.80 -14.76
C VAL C 135 20.74 -17.53 -14.04
N PHE C 136 19.81 -16.93 -13.26
CA PHE C 136 20.14 -15.68 -12.61
C PHE C 136 19.86 -15.84 -11.13
N ALA C 137 20.80 -15.35 -10.30
CA ALA C 137 20.67 -15.49 -8.83
C ALA C 137 20.32 -14.14 -8.23
N TYR C 138 19.57 -14.17 -7.13
CA TYR C 138 19.07 -12.94 -6.54
C TYR C 138 18.95 -13.20 -5.02
N HIS C 139 19.51 -12.29 -4.27
CA HIS C 139 19.55 -12.40 -2.80
C HIS C 139 18.14 -12.20 -2.27
N VAL C 140 17.63 -13.17 -1.53
CA VAL C 140 16.31 -13.06 -0.92
C VAL C 140 16.42 -13.32 0.62
N ASN C 141 15.41 -12.92 1.36
CA ASN C 141 15.44 -13.16 2.80
C ASN C 141 15.01 -14.58 3.13
N ASP C 142 14.39 -15.28 2.21
CA ASP C 142 13.87 -16.66 2.48
C ASP C 142 14.24 -17.64 1.38
N PRO C 143 15.52 -18.00 1.37
CA PRO C 143 16.05 -18.91 0.35
C PRO C 143 15.47 -20.30 0.40
N GLU C 144 14.97 -20.72 1.55
CA GLU C 144 14.33 -22.04 1.60
C GLU C 144 13.09 -22.20 0.72
N ARG C 145 12.53 -21.13 0.16
CA ARG C 145 11.38 -21.33 -0.74
C ARG C 145 11.76 -21.52 -2.22
N TYR C 146 13.06 -21.53 -2.51
CA TYR C 146 13.51 -21.46 -3.91
C TYR C 146 14.56 -22.45 -4.21
N GLY C 147 14.95 -22.55 -5.50
CA GLY C 147 16.20 -23.21 -5.78
C GLY C 147 17.30 -22.28 -5.28
N VAL C 148 18.32 -22.84 -4.64
CA VAL C 148 19.38 -22.03 -4.02
C VAL C 148 20.75 -22.43 -4.54
N VAL C 149 21.48 -21.40 -4.94
CA VAL C 149 22.82 -21.60 -5.47
C VAL C 149 23.84 -21.15 -4.43
N GLU C 150 24.86 -21.98 -4.24
CA GLU C 150 25.97 -21.71 -3.31
C GLU C 150 27.21 -21.44 -4.15
N PHE C 151 28.00 -20.47 -3.71
CA PHE C 151 29.20 -20.04 -4.40
C PHE C 151 30.36 -20.28 -3.44
N ASP C 152 31.54 -20.50 -4.02
CA ASP C 152 32.78 -20.53 -3.22
C ASP C 152 33.35 -19.14 -3.04
N LYS C 153 34.46 -19.06 -2.30
CA LYS C 153 35.06 -17.78 -1.95
C LYS C 153 35.45 -17.03 -3.20
N ASN C 154 35.68 -17.75 -4.28
CA ASN C 154 36.06 -17.10 -5.52
C ASN C 154 34.87 -16.78 -6.41
N GLY C 155 33.66 -17.02 -5.91
CA GLY C 155 32.46 -16.68 -6.68
C GLY C 155 32.06 -17.71 -7.71
N THR C 156 32.67 -18.89 -7.65
CA THR C 156 32.32 -19.97 -8.53
C THR C 156 31.11 -20.70 -7.92
N ALA C 157 30.10 -20.99 -8.75
CA ALA C 157 28.92 -21.74 -8.26
C ALA C 157 29.38 -23.14 -8.02
N ILE C 158 29.00 -23.69 -6.88
CA ILE C 158 29.42 -25.00 -6.51
C ILE C 158 28.32 -25.95 -6.17
N SER C 159 27.12 -25.46 -5.82
CA SER C 159 26.01 -26.37 -5.62
C SER C 159 24.67 -25.69 -5.83
N LEU C 160 23.66 -26.51 -6.06
CA LEU C 160 22.32 -26.04 -6.30
C LEU C 160 21.42 -27.00 -5.55
N GLU C 161 20.46 -26.47 -4.81
CA GLU C 161 19.55 -27.32 -4.06
C GLU C 161 18.14 -26.73 -4.16
N GLU C 162 17.14 -27.59 -4.40
CA GLU C 162 15.78 -27.09 -4.48
C GLU C 162 15.16 -27.08 -3.08
N LYS C 163 14.73 -25.91 -2.66
CA LYS C 163 14.05 -25.72 -1.36
C LYS C 163 14.73 -26.40 -0.17
N PRO C 164 16.01 -26.10 0.07
CA PRO C 164 16.76 -26.77 1.13
C PRO C 164 16.19 -26.44 2.51
N LEU C 165 16.19 -27.39 3.43
CA LEU C 165 15.80 -27.06 4.80
C LEU C 165 16.88 -26.15 5.45
N GLU C 166 18.15 -26.38 5.10
CA GLU C 166 19.31 -25.58 5.57
C GLU C 166 20.01 -24.95 4.35
N PRO C 167 19.50 -23.84 3.85
CA PRO C 167 20.08 -23.26 2.64
C PRO C 167 21.54 -22.90 2.86
N LYS C 168 22.35 -23.14 1.85
CA LYS C 168 23.77 -22.83 1.92
C LYS C 168 24.17 -21.39 1.58
N SER C 169 23.20 -20.60 1.12
CA SER C 169 23.40 -19.18 0.88
C SER C 169 22.04 -18.52 0.90
N ASN C 170 22.03 -17.21 0.69
CA ASN C 170 20.77 -16.51 0.47
C ASN C 170 20.49 -16.19 -1.03
N TYR C 171 21.17 -16.84 -1.96
CA TYR C 171 20.88 -16.56 -3.35
C TYR C 171 19.87 -17.54 -3.95
N ALA C 172 18.75 -17.00 -4.38
CA ALA C 172 17.72 -17.81 -5.04
C ALA C 172 17.97 -17.82 -6.51
N VAL C 173 17.66 -18.94 -7.15
CA VAL C 173 17.75 -19.02 -8.62
C VAL C 173 16.38 -18.62 -9.17
N THR C 174 16.31 -17.51 -9.92
CA THR C 174 15.02 -16.99 -10.41
C THR C 174 14.37 -17.85 -11.47
N GLY C 175 13.24 -17.38 -11.96
CA GLY C 175 12.42 -18.16 -12.88
C GLY C 175 12.64 -17.82 -14.36
N LEU C 176 13.88 -17.46 -14.72
CA LEU C 176 14.21 -17.20 -16.13
C LEU C 176 15.44 -18.07 -16.41
N TYR C 177 15.38 -18.87 -17.49
CA TYR C 177 16.45 -19.85 -17.80
C TYR C 177 16.76 -19.79 -19.28
N PHE C 178 18.04 -19.88 -19.65
CA PHE C 178 18.37 -19.91 -21.07
C PHE C 178 19.13 -21.21 -21.25
N TYR C 179 18.67 -22.02 -22.21
CA TYR C 179 19.34 -23.28 -22.47
C TYR C 179 19.79 -23.41 -23.93
N ASP C 180 20.82 -24.23 -24.13
CA ASP C 180 21.13 -24.65 -25.48
C ASP C 180 20.21 -25.83 -25.80
N ASN C 181 20.44 -26.49 -26.94
CA ASN C 181 19.55 -27.54 -27.36
C ASN C 181 19.64 -28.88 -26.58
N ASP C 182 20.64 -29.03 -25.70
CA ASP C 182 20.79 -30.27 -24.94
C ASP C 182 19.72 -30.46 -23.86
N VAL C 183 18.93 -29.42 -23.61
CA VAL C 183 18.02 -29.49 -22.47
C VAL C 183 16.93 -30.53 -22.74
N VAL C 184 16.53 -30.66 -24.01
CA VAL C 184 15.42 -31.53 -24.37
C VAL C 184 15.72 -32.98 -23.96
N GLN C 185 16.88 -33.50 -24.35
CA GLN C 185 17.24 -34.84 -23.97
C GLN C 185 17.42 -34.96 -22.46
N MET C 186 17.98 -33.94 -21.81
CA MET C 186 18.09 -33.98 -20.38
C MET C 186 16.72 -34.18 -19.74
N ALA C 187 15.76 -33.34 -20.12
CA ALA C 187 14.41 -33.46 -19.60
C ALA C 187 13.81 -34.86 -19.85
N LYS C 188 13.99 -35.40 -21.04
CA LYS C 188 13.43 -36.72 -21.33
C LYS C 188 14.01 -37.87 -20.49
N ASN C 189 15.19 -37.67 -19.93
CA ASN C 189 15.73 -38.69 -19.06
C ASN C 189 15.64 -38.49 -17.58
N LEU C 190 15.01 -37.40 -17.19
CA LEU C 190 14.84 -37.11 -15.76
C LEU C 190 13.86 -38.06 -15.11
N LYS C 191 14.10 -38.33 -13.83
CA LYS C 191 13.13 -39.06 -13.01
C LYS C 191 12.57 -38.11 -11.98
N PRO C 192 11.31 -38.31 -11.61
CA PRO C 192 10.67 -37.52 -10.57
C PRO C 192 11.51 -37.60 -9.32
N SER C 193 11.86 -36.44 -8.76
CA SER C 193 12.78 -36.43 -7.64
C SER C 193 12.11 -36.32 -6.28
N ALA C 194 12.84 -35.71 -5.33
CA ALA C 194 12.44 -35.56 -3.94
C ALA C 194 11.03 -35.01 -3.68
N ARG C 195 10.52 -34.18 -4.56
CA ARG C 195 9.20 -33.67 -4.30
C ARG C 195 8.18 -34.27 -5.26
N GLY C 196 8.64 -35.29 -5.99
CA GLY C 196 7.79 -35.97 -6.94
C GLY C 196 7.60 -35.27 -8.29
N GLU C 197 8.47 -34.30 -8.59
CA GLU C 197 8.36 -33.49 -9.84
C GLU C 197 9.55 -33.64 -10.79
N LEU C 198 9.34 -33.36 -12.08
CA LEU C 198 10.45 -33.23 -12.98
C LEU C 198 10.97 -31.79 -12.80
N GLU C 199 12.07 -31.65 -12.07
CA GLU C 199 12.53 -30.35 -11.53
C GLU C 199 13.50 -29.60 -12.42
N ILE C 200 13.29 -28.31 -12.61
CA ILE C 200 14.27 -27.53 -13.41
C ILE C 200 15.60 -27.56 -12.68
N THR C 201 15.57 -27.59 -11.35
CA THR C 201 16.85 -27.59 -10.65
C THR C 201 17.70 -28.84 -10.99
N ASP C 202 17.01 -29.93 -11.27
CA ASP C 202 17.70 -31.16 -11.63
C ASP C 202 18.33 -31.00 -13.00
N ILE C 203 17.70 -30.21 -13.88
CA ILE C 203 18.35 -29.91 -15.18
C ILE C 203 19.58 -29.06 -14.89
N ASN C 204 19.37 -27.98 -14.10
CA ASN C 204 20.47 -27.05 -13.88
C ASN C 204 21.67 -27.74 -13.23
N ARG C 205 21.37 -28.69 -12.34
CA ARG C 205 22.43 -29.40 -11.69
C ARG C 205 23.24 -30.18 -12.72
N ILE C 206 22.58 -30.76 -13.72
CA ILE C 206 23.33 -31.49 -14.77
C ILE C 206 24.31 -30.54 -15.49
N TYR C 207 23.79 -29.40 -15.94
CA TYR C 207 24.69 -28.36 -16.49
C TYR C 207 25.83 -27.96 -15.52
N LEU C 208 25.52 -27.78 -14.23
CA LEU C 208 26.54 -27.41 -13.26
C LEU C 208 27.63 -28.49 -13.13
N GLU C 209 27.21 -29.74 -13.11
CA GLU C 209 28.17 -30.85 -12.99
C GLU C 209 29.09 -30.90 -14.22
N GLN C 210 28.59 -30.41 -15.37
CA GLN C 210 29.39 -30.42 -16.60
C GLN C 210 30.28 -29.19 -16.71
N GLY C 211 30.13 -28.27 -15.78
CA GLY C 211 30.84 -27.00 -15.84
C GLY C 211 30.31 -26.02 -16.87
N ARG C 212 29.04 -26.19 -17.23
CA ARG C 212 28.47 -25.35 -18.27
C ARG C 212 27.27 -24.51 -17.79
N LEU C 213 27.14 -24.31 -16.50
CA LEU C 213 26.04 -23.44 -16.00
C LEU C 213 26.64 -22.09 -15.63
N SER C 214 26.19 -21.02 -16.28
CA SER C 214 26.61 -19.70 -15.84
C SER C 214 25.55 -19.20 -14.90
N VAL C 215 25.99 -18.48 -13.87
CA VAL C 215 25.04 -17.93 -12.90
C VAL C 215 25.31 -16.44 -12.88
N ALA C 216 24.41 -15.69 -13.50
CA ALA C 216 24.52 -14.27 -13.58
C ALA C 216 23.94 -13.66 -12.29
N MET C 217 24.68 -12.79 -11.65
CA MET C 217 24.16 -12.19 -10.40
C MET C 217 23.24 -11.03 -10.76
N MET C 218 22.06 -11.01 -10.17
CA MET C 218 21.10 -9.94 -10.45
C MET C 218 21.16 -9.10 -9.19
N GLY C 219 21.74 -7.92 -9.31
CA GLY C 219 22.01 -7.11 -8.15
C GLY C 219 20.80 -6.60 -7.37
N ARG C 220 21.07 -5.92 -6.27
CA ARG C 220 19.97 -5.49 -5.43
C ARG C 220 19.22 -4.31 -5.99
N GLY C 221 19.76 -3.71 -7.06
CA GLY C 221 19.07 -2.62 -7.75
C GLY C 221 17.98 -3.10 -8.67
N TYR C 222 17.88 -4.41 -8.84
CA TYR C 222 16.76 -4.99 -9.62
C TYR C 222 15.64 -5.40 -8.64
N ALA C 223 14.40 -5.45 -9.13
CA ALA C 223 13.31 -5.96 -8.33
C ALA C 223 12.82 -7.24 -8.96
N TRP C 224 12.75 -8.28 -8.17
CA TRP C 224 12.17 -9.51 -8.64
C TRP C 224 10.95 -9.62 -7.75
N LEU C 225 9.75 -9.30 -8.24
CA LEU C 225 8.57 -9.17 -7.36
C LEU C 225 7.99 -10.53 -7.01
N ASP C 226 7.75 -10.77 -5.71
CA ASP C 226 7.22 -12.06 -5.20
C ASP C 226 5.72 -12.18 -5.54
N THR C 227 5.28 -13.31 -6.10
CA THR C 227 3.84 -13.44 -6.40
C THR C 227 3.30 -14.60 -5.59
N GLY C 228 3.98 -14.94 -4.51
CA GLY C 228 3.71 -16.20 -3.82
C GLY C 228 2.47 -16.20 -2.93
N THR C 229 2.15 -15.02 -2.36
CA THR C 229 1.01 -14.99 -1.43
C THR C 229 0.07 -13.88 -1.84
N HIS C 230 -1.10 -13.84 -1.20
CA HIS C 230 -1.98 -12.72 -1.46
C HIS C 230 -1.37 -11.40 -1.13
N GLN C 231 -0.69 -11.33 0.02
CA GLN C 231 -0.07 -10.10 0.42
C GLN C 231 0.93 -9.64 -0.67
N SER C 232 1.78 -10.57 -1.08
CA SER C 232 2.85 -10.14 -1.97
C SER C 232 2.34 -9.77 -3.35
N LEU C 233 1.15 -10.28 -3.70
CA LEU C 233 0.49 -9.85 -4.95
C LEU C 233 0.08 -8.42 -4.82
N ILE C 234 -0.37 -8.03 -3.63
CA ILE C 234 -0.75 -6.66 -3.47
C ILE C 234 0.50 -5.79 -3.47
N GLU C 235 1.56 -6.26 -2.85
CA GLU C 235 2.79 -5.50 -2.90
C GLU C 235 3.31 -5.32 -4.35
N ALA C 236 3.34 -6.39 -5.10
CA ALA C 236 3.74 -6.29 -6.51
C ALA C 236 2.94 -5.24 -7.25
N SER C 237 1.63 -5.32 -7.15
CA SER C 237 0.81 -4.30 -7.81
C SER C 237 1.21 -2.91 -7.37
N ASN C 238 1.26 -2.70 -6.07
CA ASN C 238 1.62 -1.39 -5.58
C ASN C 238 2.95 -0.91 -6.12
N PHE C 239 3.93 -1.80 -6.16
CA PHE C 239 5.25 -1.46 -6.69
C PHE C 239 5.18 -0.92 -8.16
N ILE C 240 4.51 -1.66 -9.01
CA ILE C 240 4.33 -1.21 -10.41
C ILE C 240 3.55 0.09 -10.48
N ALA C 241 2.51 0.20 -9.69
CA ALA C 241 1.72 1.38 -9.71
C ALA C 241 2.59 2.56 -9.38
N THR C 242 3.42 2.43 -8.37
CA THR C 242 4.23 3.57 -7.95
C THR C 242 5.23 3.99 -9.05
N ILE C 243 5.81 3.03 -9.76
CA ILE C 243 6.75 3.37 -10.85
C ILE C 243 6.00 4.02 -11.99
N GLU C 244 4.86 3.44 -12.34
CA GLU C 244 4.15 3.92 -13.55
C GLU C 244 3.53 5.25 -13.36
N GLU C 245 2.90 5.48 -12.22
CA GLU C 245 2.20 6.74 -12.06
C GLU C 245 3.19 7.89 -11.93
N ARG C 246 4.35 7.63 -11.34
CA ARG C 246 5.39 8.67 -11.21
C ARG C 246 5.94 9.10 -12.59
N GLN C 247 6.28 8.11 -13.42
CA GLN C 247 6.91 8.32 -14.71
C GLN C 247 5.91 8.70 -15.83
N GLY C 248 4.71 8.16 -15.74
CA GLY C 248 3.76 8.30 -16.85
C GLY C 248 4.24 7.41 -18.00
N LEU C 249 4.86 6.29 -17.65
CA LEU C 249 5.35 5.29 -18.58
C LEU C 249 4.92 3.93 -18.03
N LYS C 250 4.65 2.98 -18.88
CA LYS C 250 4.30 1.64 -18.43
C LYS C 250 5.50 0.74 -18.27
N VAL C 251 5.36 -0.22 -17.35
CA VAL C 251 6.32 -1.30 -17.19
C VAL C 251 5.78 -2.53 -17.89
N SER C 252 6.60 -3.18 -18.73
CA SER C 252 6.16 -4.41 -19.42
C SER C 252 4.86 -4.35 -20.21
N CYS C 253 4.71 -3.30 -20.99
CA CYS C 253 3.60 -3.14 -21.91
C CYS C 253 4.05 -3.79 -23.23
N PRO C 254 3.53 -4.95 -23.62
CA PRO C 254 4.11 -5.61 -24.80
C PRO C 254 4.01 -4.80 -26.10
N GLU C 255 2.95 -4.02 -26.27
CA GLU C 255 2.84 -3.20 -27.44
C GLU C 255 4.02 -2.29 -27.50
N GLU C 256 4.30 -1.62 -26.39
CA GLU C 256 5.35 -0.63 -26.41
C GLU C 256 6.68 -1.28 -26.74
N ILE C 257 6.94 -2.44 -26.14
CA ILE C 257 8.23 -3.08 -26.35
C ILE C 257 8.34 -3.46 -27.82
N ALA C 258 7.30 -4.08 -28.35
CA ALA C 258 7.27 -4.45 -29.76
C ALA C 258 7.63 -3.24 -30.64
N PHE C 259 6.95 -2.14 -30.40
CA PHE C 259 7.20 -0.87 -31.09
C PHE C 259 8.64 -0.38 -30.95
N ARG C 260 9.15 -0.27 -29.71
CA ARG C 260 10.48 0.32 -29.53
C ARG C 260 11.59 -0.56 -30.09
N LYS C 261 11.33 -1.86 -30.12
CA LYS C 261 12.33 -2.83 -30.61
C LYS C 261 12.22 -3.07 -32.12
N GLY C 262 11.20 -2.47 -32.71
CA GLY C 262 11.04 -2.51 -34.15
C GLY C 262 10.29 -3.71 -34.66
N PHE C 263 9.62 -4.45 -33.77
CA PHE C 263 8.84 -5.61 -34.21
C PHE C 263 7.63 -5.17 -35.01
N ILE C 264 7.02 -4.07 -34.58
CA ILE C 264 5.86 -3.56 -35.30
C ILE C 264 6.17 -2.11 -35.58
N ASP C 265 5.51 -1.51 -36.56
CA ASP C 265 5.77 -0.12 -36.85
C ASP C 265 4.66 0.74 -36.26
N VAL C 266 4.70 2.06 -36.54
CA VAL C 266 3.73 2.99 -35.96
C VAL C 266 2.35 2.81 -36.53
N GLU C 267 2.29 2.37 -37.78
CA GLU C 267 1.02 2.24 -38.43
C GLU C 267 0.29 1.17 -37.68
N GLN C 268 1.03 0.14 -37.30
CA GLN C 268 0.42 -0.97 -36.60
C GLN C 268 0.07 -0.62 -35.13
N VAL C 269 0.81 0.31 -34.53
CA VAL C 269 0.55 0.68 -33.14
C VAL C 269 -0.73 1.50 -33.14
N ARG C 270 -0.86 2.37 -34.13
CA ARG C 270 -2.08 3.17 -34.23
C ARG C 270 -3.29 2.32 -34.53
N LYS C 271 -3.11 1.28 -35.33
CA LYS C 271 -4.22 0.37 -35.55
C LYS C 271 -4.64 -0.37 -34.26
N LEU C 272 -3.67 -0.68 -33.40
CA LEU C 272 -4.03 -1.36 -32.15
C LEU C 272 -4.72 -0.38 -31.21
N ALA C 273 -4.23 0.85 -31.22
CA ALA C 273 -4.67 1.79 -30.22
C ALA C 273 -6.10 2.31 -30.46
N VAL C 274 -6.44 2.47 -31.72
CA VAL C 274 -7.69 3.15 -32.03
C VAL C 274 -8.92 2.59 -31.33
N PRO C 275 -9.12 1.30 -31.39
CA PRO C 275 -10.28 0.66 -30.78
C PRO C 275 -10.15 0.65 -29.26
N LEU C 276 -9.02 1.14 -28.73
CA LEU C 276 -8.77 1.09 -27.27
C LEU C 276 -8.62 2.49 -26.71
N ILE C 277 -8.86 3.48 -27.56
CA ILE C 277 -8.68 4.83 -27.13
C ILE C 277 -9.76 5.25 -26.13
N LYS C 278 -10.82 4.48 -26.07
CA LYS C 278 -11.86 4.72 -25.06
C LYS C 278 -11.34 4.40 -23.64
N ASN C 279 -10.15 3.78 -23.53
CA ASN C 279 -9.60 3.56 -22.19
C ASN C 279 -8.17 4.05 -22.05
N ASN C 280 -7.68 4.08 -20.80
CA ASN C 280 -6.38 4.64 -20.49
C ASN C 280 -5.26 3.94 -21.25
N TYR C 281 -5.40 2.63 -21.43
CA TYR C 281 -4.31 1.87 -22.04
C TYR C 281 -4.17 2.27 -23.49
N GLY C 282 -5.29 2.23 -24.20
CA GLY C 282 -5.26 2.65 -25.59
C GLY C 282 -4.83 4.08 -25.75
N GLN C 283 -5.19 4.94 -24.80
CA GLN C 283 -4.70 6.33 -24.91
C GLN C 283 -3.16 6.40 -24.78
N TYR C 284 -2.64 5.63 -23.85
CA TYR C 284 -1.16 5.51 -23.74
C TYR C 284 -0.52 5.01 -25.07
N LEU C 285 -1.08 3.94 -25.65
CA LEU C 285 -0.51 3.44 -26.91
C LEU C 285 -0.56 4.48 -27.99
N TYR C 286 -1.67 5.22 -28.04
CA TYR C 286 -1.77 6.20 -29.11
C TYR C 286 -0.70 7.29 -28.93
N LYS C 287 -0.49 7.70 -27.70
CA LYS C 287 0.49 8.72 -27.42
C LYS C 287 1.86 8.35 -27.96
N MET C 288 2.18 7.04 -27.95
CA MET C 288 3.51 6.62 -28.40
C MET C 288 3.87 7.12 -29.77
N THR C 289 2.87 7.16 -30.63
CA THR C 289 3.08 7.50 -32.02
C THR C 289 2.97 9.00 -32.31
N LYS C 290 3.17 9.83 -31.28
CA LYS C 290 3.07 11.28 -31.45
C LYS C 290 4.64 11.58 -31.63
N ASP C 291 5.01 11.57 -30.35
CA ASP C 291 6.35 11.99 -29.94
C ASP C 291 6.28 13.27 -29.09
N LYS D 2 -34.42 -20.61 2.19
CA LYS D 2 -33.73 -19.58 1.40
C LYS D 2 -34.82 -18.68 0.99
N MET D 3 -35.81 -18.52 1.86
CA MET D 3 -36.98 -17.78 1.49
C MET D 3 -36.68 -16.37 0.88
N ARG D 4 -35.96 -15.40 1.53
CA ARG D 4 -35.78 -14.03 0.96
C ARG D 4 -34.77 -13.92 -0.20
N LYS D 5 -34.96 -12.91 -1.07
CA LYS D 5 -34.37 -12.94 -2.42
C LYS D 5 -33.49 -11.74 -2.67
N GLY D 6 -32.50 -11.95 -3.53
CA GLY D 6 -31.65 -10.84 -3.86
C GLY D 6 -30.94 -11.15 -5.19
N ILE D 7 -30.49 -10.07 -5.85
CA ILE D 7 -29.81 -10.24 -7.15
C ILE D 7 -28.47 -9.56 -7.07
N ILE D 8 -27.42 -10.20 -7.60
CA ILE D 8 -26.10 -9.56 -7.66
C ILE D 8 -25.89 -9.31 -9.17
N LEU D 9 -25.75 -8.04 -9.53
CA LEU D 9 -25.52 -7.66 -10.91
C LEU D 9 -23.99 -7.61 -11.12
N ALA D 10 -23.51 -8.63 -11.80
CA ALA D 10 -22.09 -8.92 -11.92
C ALA D 10 -21.59 -9.00 -13.38
N GLY D 11 -22.08 -8.14 -14.25
CA GLY D 11 -21.62 -8.17 -15.62
C GLY D 11 -20.90 -6.88 -15.96
N GLY D 12 -21.31 -6.20 -17.02
CA GLY D 12 -20.67 -4.99 -17.46
C GLY D 12 -19.59 -5.28 -18.50
N SER D 13 -19.16 -4.22 -19.20
CA SER D 13 -18.11 -4.35 -20.24
C SER D 13 -16.70 -4.48 -19.66
N GLY D 14 -16.45 -3.92 -18.47
CA GLY D 14 -15.12 -3.96 -17.90
C GLY D 14 -14.09 -3.10 -18.66
N THR D 15 -14.60 -2.19 -19.50
CA THR D 15 -13.79 -1.32 -20.37
C THR D 15 -12.64 -0.62 -19.67
N ARG D 16 -12.95 0.03 -18.57
CA ARG D 16 -11.94 0.86 -17.92
C ARG D 16 -10.78 0.08 -17.36
N LEU D 17 -10.98 -1.19 -17.11
CA LEU D 17 -9.92 -1.99 -16.54
C LEU D 17 -9.12 -2.76 -17.60
N TYR D 18 -9.43 -2.56 -18.87
CA TYR D 18 -8.67 -3.28 -19.94
C TYR D 18 -7.19 -3.09 -19.70
N PRO D 19 -6.32 -4.06 -19.94
CA PRO D 19 -6.60 -5.41 -20.46
C PRO D 19 -6.87 -6.47 -19.38
N VAL D 20 -6.88 -6.07 -18.11
CA VAL D 20 -7.08 -7.03 -17.02
C VAL D 20 -8.41 -7.77 -17.20
N THR D 21 -9.42 -7.06 -17.67
CA THR D 21 -10.72 -7.71 -17.79
C THR D 21 -10.95 -8.22 -19.19
N MET D 22 -9.89 -8.40 -19.98
CA MET D 22 -10.02 -8.89 -21.33
C MET D 22 -10.35 -10.37 -21.23
N ALA D 23 -9.66 -11.11 -20.37
CA ALA D 23 -9.98 -12.53 -20.23
C ALA D 23 -10.57 -12.96 -18.89
N VAL D 24 -10.95 -12.00 -18.03
CA VAL D 24 -11.46 -12.32 -16.68
C VAL D 24 -12.55 -11.31 -16.36
N SER D 25 -13.69 -11.71 -15.80
CA SER D 25 -14.69 -10.68 -15.39
C SER D 25 -14.16 -9.88 -14.21
N LYS D 26 -14.47 -8.59 -14.18
CA LYS D 26 -14.07 -7.71 -13.11
C LYS D 26 -14.44 -8.41 -11.79
N GLN D 27 -15.63 -9.00 -11.77
CA GLN D 27 -16.17 -9.52 -10.50
C GLN D 27 -15.57 -10.88 -10.03
N LEU D 28 -14.64 -11.41 -10.80
CA LEU D 28 -13.88 -12.57 -10.37
C LEU D 28 -12.44 -12.18 -9.94
N LEU D 29 -12.08 -10.92 -10.16
CA LEU D 29 -10.75 -10.41 -9.74
C LEU D 29 -10.65 -10.40 -8.25
N PRO D 30 -9.45 -10.59 -7.74
CA PRO D 30 -9.31 -10.69 -6.28
C PRO D 30 -9.41 -9.33 -5.60
N ILE D 31 -9.98 -9.33 -4.42
CA ILE D 31 -9.83 -8.21 -3.53
C ILE D 31 -9.17 -8.89 -2.34
N TYR D 32 -7.85 -8.70 -2.28
CA TYR D 32 -6.92 -9.39 -1.41
C TYR D 32 -6.95 -10.91 -1.58
N ASP D 33 -7.73 -11.60 -0.77
CA ASP D 33 -7.68 -13.05 -0.70
C ASP D 33 -8.97 -13.75 -1.14
N LYS D 34 -9.89 -13.05 -1.78
CA LYS D 34 -11.04 -13.72 -2.37
C LYS D 34 -11.55 -12.98 -3.55
N PRO D 35 -12.27 -13.70 -4.41
CA PRO D 35 -12.87 -13.04 -5.58
C PRO D 35 -13.79 -11.93 -5.12
N MET D 36 -13.89 -10.93 -5.97
CA MET D 36 -14.61 -9.73 -5.68
C MET D 36 -16.06 -10.08 -5.38
N ILE D 37 -16.61 -11.03 -6.12
CA ILE D 37 -18.06 -11.30 -5.90
C ILE D 37 -18.38 -11.86 -4.50
N TYR D 38 -17.40 -12.41 -3.78
CA TYR D 38 -17.70 -12.87 -2.40
C TYR D 38 -18.24 -11.71 -1.56
N TYR D 39 -17.85 -10.48 -1.87
CA TYR D 39 -18.17 -9.33 -1.01
C TYR D 39 -19.65 -8.98 -1.05
N PRO D 40 -20.23 -8.64 -2.21
CA PRO D 40 -21.66 -8.38 -2.28
C PRO D 40 -22.42 -9.66 -1.97
N LEU D 41 -21.88 -10.84 -2.22
CA LEU D 41 -22.64 -12.02 -1.79
C LEU D 41 -22.76 -12.07 -0.26
N SER D 42 -21.64 -11.74 0.40
CA SER D 42 -21.62 -11.77 1.88
C SER D 42 -22.60 -10.76 2.39
N THR D 43 -22.66 -9.65 1.67
CA THR D 43 -23.59 -8.59 2.07
C THR D 43 -25.05 -9.06 2.07
N LEU D 44 -25.47 -9.63 0.96
CA LEU D 44 -26.81 -10.23 0.92
C LEU D 44 -27.00 -11.28 2.03
N MET D 45 -26.02 -12.15 2.23
CA MET D 45 -26.18 -13.17 3.30
C MET D 45 -26.37 -12.54 4.68
N LEU D 46 -25.64 -11.47 4.94
CA LEU D 46 -25.72 -10.76 6.25
C LEU D 46 -27.07 -10.12 6.41
N ALA D 47 -27.72 -9.80 5.30
CA ALA D 47 -29.07 -9.28 5.39
C ALA D 47 -30.07 -10.42 5.61
N GLY D 48 -29.62 -11.65 5.60
CA GLY D 48 -30.53 -12.76 5.76
C GLY D 48 -31.16 -13.25 4.44
N ILE D 49 -30.48 -12.97 3.34
CA ILE D 49 -31.03 -13.38 2.03
C ILE D 49 -30.31 -14.62 1.56
N ARG D 50 -31.02 -15.70 1.25
CA ARG D 50 -30.34 -16.92 0.85
C ARG D 50 -30.69 -17.38 -0.56
N ASP D 51 -31.67 -16.75 -1.19
CA ASP D 51 -32.04 -17.11 -2.57
C ASP D 51 -31.53 -16.01 -3.49
N ILE D 52 -30.52 -16.31 -4.31
CA ILE D 52 -29.77 -15.22 -4.93
C ILE D 52 -29.55 -15.53 -6.42
N LEU D 53 -29.87 -14.55 -7.23
CA LEU D 53 -29.70 -14.65 -8.66
C LEU D 53 -28.45 -13.87 -9.07
N ILE D 54 -27.53 -14.52 -9.77
CA ILE D 54 -26.31 -13.84 -10.22
C ILE D 54 -26.47 -13.59 -11.73
N ILE D 55 -26.42 -12.33 -12.11
CA ILE D 55 -26.53 -11.96 -13.52
C ILE D 55 -25.18 -11.56 -14.04
N SER D 56 -24.70 -12.22 -15.09
CA SER D 56 -23.53 -11.66 -15.66
C SER D 56 -23.59 -11.67 -17.19
N THR D 57 -22.41 -11.56 -17.81
CA THR D 57 -22.38 -11.52 -19.28
C THR D 57 -22.50 -12.91 -19.84
N PRO D 58 -22.70 -12.99 -21.16
CA PRO D 58 -22.80 -14.29 -21.81
C PRO D 58 -21.54 -15.13 -21.54
N GLN D 59 -20.38 -14.50 -21.59
CA GLN D 59 -19.15 -15.29 -21.40
C GLN D 59 -18.82 -15.61 -19.93
N ASP D 60 -19.24 -14.73 -19.03
CA ASP D 60 -18.81 -14.85 -17.63
C ASP D 60 -19.80 -15.60 -16.75
N THR D 61 -21.08 -15.60 -17.11
CA THR D 61 -22.04 -16.30 -16.26
C THR D 61 -21.65 -17.71 -15.93
N PRO D 62 -21.28 -18.50 -16.92
CA PRO D 62 -20.92 -19.89 -16.65
C PRO D 62 -19.67 -19.95 -15.82
N ARG D 63 -18.84 -18.92 -15.85
CA ARG D 63 -17.64 -18.94 -15.00
C ARG D 63 -18.08 -18.77 -13.55
N PHE D 64 -19.08 -17.91 -13.32
CA PHE D 64 -19.57 -17.80 -11.91
C PHE D 64 -20.23 -19.08 -11.48
N GLN D 65 -20.94 -19.70 -12.41
CA GLN D 65 -21.61 -20.96 -12.07
C GLN D 65 -20.62 -22.08 -11.77
N GLN D 66 -19.45 -22.08 -12.43
CA GLN D 66 -18.47 -23.13 -12.14
C GLN D 66 -17.89 -22.92 -10.75
N LEU D 67 -17.67 -21.67 -10.39
CA LEU D 67 -17.08 -21.35 -9.10
C LEU D 67 -17.99 -21.55 -7.92
N LEU D 68 -19.26 -21.17 -8.08
CA LEU D 68 -20.16 -21.13 -6.91
C LEU D 68 -21.17 -22.27 -6.92
N GLY D 69 -21.44 -22.82 -8.11
CA GLY D 69 -22.44 -23.86 -8.27
C GLY D 69 -23.83 -23.46 -7.76
N ASP D 70 -24.58 -24.40 -7.21
CA ASP D 70 -25.92 -24.06 -6.81
C ASP D 70 -26.01 -23.49 -5.40
N GLY D 71 -24.87 -23.31 -4.76
CA GLY D 71 -24.83 -22.62 -3.49
C GLY D 71 -25.24 -23.46 -2.32
N SER D 72 -25.64 -24.70 -2.59
CA SER D 72 -26.12 -25.54 -1.47
C SER D 72 -25.02 -25.85 -0.48
N GLN D 73 -23.79 -25.83 -0.94
CA GLN D 73 -22.69 -26.03 0.00
C GLN D 73 -22.57 -24.92 1.05
N TRP D 74 -23.19 -23.76 0.80
CA TRP D 74 -23.21 -22.66 1.77
C TRP D 74 -24.61 -22.44 2.29
N GLY D 75 -25.53 -23.39 2.07
CA GLY D 75 -26.88 -23.20 2.57
C GLY D 75 -27.68 -22.17 1.79
N LEU D 76 -27.26 -21.92 0.55
CA LEU D 76 -27.93 -20.89 -0.24
C LEU D 76 -28.58 -21.57 -1.43
N ASN D 77 -29.35 -20.81 -2.18
CA ASN D 77 -29.93 -21.32 -3.45
C ASN D 77 -29.47 -20.32 -4.49
N LEU D 78 -28.50 -20.67 -5.34
CA LEU D 78 -27.96 -19.69 -6.31
C LEU D 78 -28.46 -20.11 -7.67
N GLN D 79 -28.83 -19.13 -8.46
CA GLN D 79 -29.21 -19.36 -9.86
C GLN D 79 -28.61 -18.24 -10.69
N TYR D 80 -28.59 -18.46 -12.00
CA TYR D 80 -27.81 -17.64 -12.87
C TYR D 80 -28.64 -17.24 -14.08
N LYS D 81 -28.44 -16.01 -14.55
CA LYS D 81 -29.03 -15.54 -15.81
C LYS D 81 -28.04 -14.72 -16.57
N VAL D 82 -28.15 -14.73 -17.89
CA VAL D 82 -27.27 -13.88 -18.67
C VAL D 82 -27.92 -12.56 -19.00
N GLN D 83 -27.14 -11.48 -18.99
CA GLN D 83 -27.59 -10.17 -19.44
C GLN D 83 -26.82 -9.98 -20.75
N PRO D 84 -27.53 -10.13 -21.86
CA PRO D 84 -26.92 -10.07 -23.20
C PRO D 84 -26.06 -8.85 -23.47
N SER D 85 -26.46 -7.66 -23.00
CA SER D 85 -25.61 -6.48 -23.11
C SER D 85 -25.81 -5.65 -21.88
N PRO D 86 -24.82 -4.83 -21.57
CA PRO D 86 -24.84 -4.02 -20.37
C PRO D 86 -25.69 -2.79 -20.60
N ASP D 87 -27.00 -2.95 -20.61
CA ASP D 87 -27.86 -1.83 -20.91
C ASP D 87 -28.45 -1.13 -19.69
N GLY D 88 -27.95 -1.46 -18.50
CA GLY D 88 -28.34 -0.67 -17.35
C GLY D 88 -28.71 -1.48 -16.12
N LEU D 89 -28.55 -0.90 -14.92
CA LEU D 89 -28.85 -1.62 -13.70
C LEU D 89 -30.30 -2.08 -13.66
N ALA D 90 -31.20 -1.20 -14.03
CA ALA D 90 -32.62 -1.54 -13.93
C ALA D 90 -33.02 -2.75 -14.75
N GLN D 91 -32.23 -3.06 -15.79
CA GLN D 91 -32.47 -4.30 -16.48
C GLN D 91 -32.42 -5.55 -15.58
N ALA D 92 -31.82 -5.46 -14.41
CA ALA D 92 -31.74 -6.60 -13.48
C ALA D 92 -33.15 -7.13 -13.17
N PHE D 93 -34.09 -6.21 -13.04
CA PHE D 93 -35.44 -6.56 -12.65
C PHE D 93 -36.26 -7.14 -13.79
N ILE D 94 -35.83 -6.91 -15.02
CA ILE D 94 -36.56 -7.47 -16.15
C ILE D 94 -36.02 -8.86 -16.41
N ILE D 95 -34.70 -9.00 -16.39
CA ILE D 95 -34.02 -10.29 -16.46
C ILE D 95 -34.41 -11.17 -15.31
N GLY D 96 -34.51 -10.56 -14.14
CA GLY D 96 -34.78 -11.35 -12.93
C GLY D 96 -36.29 -11.47 -12.66
N GLU D 97 -37.11 -11.08 -13.63
CA GLU D 97 -38.56 -11.07 -13.39
C GLU D 97 -39.11 -12.43 -12.88
N GLU D 98 -38.75 -13.52 -13.55
CA GLU D 98 -39.24 -14.84 -13.14
C GLU D 98 -38.69 -15.21 -11.78
N PHE D 99 -37.41 -14.93 -11.57
CA PHE D 99 -36.78 -15.26 -10.32
C PHE D 99 -37.49 -14.56 -9.17
N ILE D 100 -37.83 -13.30 -9.39
CA ILE D 100 -38.42 -12.51 -8.32
C ILE D 100 -39.81 -13.02 -7.95
N GLY D 101 -40.67 -13.20 -8.95
CA GLY D 101 -42.00 -13.75 -8.73
C GLY D 101 -42.85 -12.65 -8.08
N GLY D 102 -43.51 -12.97 -6.98
CA GLY D 102 -44.34 -11.94 -6.36
C GLY D 102 -43.66 -11.33 -5.14
N ASP D 103 -42.36 -11.56 -5.02
CA ASP D 103 -41.67 -11.29 -3.76
C ASP D 103 -40.90 -9.95 -3.74
N ASP D 104 -40.53 -9.50 -2.54
CA ASP D 104 -39.64 -8.36 -2.38
C ASP D 104 -38.27 -8.84 -2.91
N CYS D 105 -37.38 -7.93 -3.19
CA CYS D 105 -36.07 -8.36 -3.68
C CYS D 105 -35.02 -7.24 -3.41
N ALA D 106 -33.80 -7.63 -3.06
CA ALA D 106 -32.68 -6.66 -2.90
C ALA D 106 -31.79 -6.77 -4.15
N LEU D 107 -31.19 -5.66 -4.54
CA LEU D 107 -30.20 -5.72 -5.60
C LEU D 107 -28.88 -5.19 -5.03
N VAL D 108 -27.77 -5.84 -5.36
CA VAL D 108 -26.48 -5.30 -4.97
C VAL D 108 -25.53 -5.40 -6.18
N LEU D 109 -24.73 -4.37 -6.36
CA LEU D 109 -23.87 -4.45 -7.52
C LEU D 109 -22.70 -5.35 -7.21
N GLY D 110 -22.21 -6.06 -8.22
CA GLY D 110 -21.15 -6.98 -7.97
C GLY D 110 -19.80 -6.36 -7.62
N ASP D 111 -19.64 -5.07 -7.76
CA ASP D 111 -18.33 -4.52 -7.45
C ASP D 111 -18.41 -3.60 -6.24
N ASN D 112 -19.48 -3.76 -5.46
CA ASN D 112 -19.69 -2.96 -4.25
C ASN D 112 -19.19 -3.65 -2.97
N ILE D 113 -18.33 -2.97 -2.21
CA ILE D 113 -17.73 -3.56 -1.01
C ILE D 113 -18.05 -2.67 0.16
N PHE D 114 -18.79 -3.18 1.14
CA PHE D 114 -19.23 -2.44 2.29
C PHE D 114 -18.61 -3.04 3.55
N TYR D 115 -18.18 -2.20 4.51
CA TYR D 115 -17.58 -2.69 5.73
C TYR D 115 -17.87 -1.71 6.85
N GLY D 116 -18.28 -2.25 7.98
CA GLY D 116 -18.46 -1.38 9.14
C GLY D 116 -19.30 -2.03 10.21
N HIS D 117 -19.13 -1.48 11.38
CA HIS D 117 -19.84 -1.99 12.54
C HIS D 117 -21.36 -1.80 12.37
N ASP D 118 -22.12 -2.85 12.62
CA ASP D 118 -23.58 -2.77 12.60
C ASP D 118 -24.21 -2.63 11.20
N LEU D 119 -23.47 -3.02 10.16
CA LEU D 119 -24.05 -3.05 8.81
C LEU D 119 -25.30 -3.96 8.75
N PRO D 120 -25.27 -5.16 9.33
CA PRO D 120 -26.44 -6.04 9.35
C PRO D 120 -27.66 -5.39 9.96
N LYS D 121 -27.45 -4.55 10.98
CA LYS D 121 -28.60 -3.85 11.58
C LYS D 121 -29.03 -2.68 10.69
N LEU D 122 -28.04 -2.09 10.05
CA LEU D 122 -28.28 -0.91 9.24
C LEU D 122 -29.20 -1.31 8.11
N MET D 123 -29.20 -2.63 7.79
CA MET D 123 -29.92 -3.23 6.66
C MET D 123 -31.20 -3.96 7.13
N GLU D 124 -31.03 -4.86 8.09
CA GLU D 124 -32.11 -5.65 8.63
C GLU D 124 -33.44 -4.87 8.65
N ALA D 125 -33.36 -3.58 8.92
CA ALA D 125 -34.54 -2.72 8.78
C ALA D 125 -35.13 -2.62 7.37
N ALA D 126 -34.24 -2.34 6.43
CA ALA D 126 -34.70 -2.17 5.07
C ALA D 126 -35.34 -3.49 4.70
N VAL D 127 -34.81 -4.60 5.18
CA VAL D 127 -35.42 -5.90 4.87
C VAL D 127 -36.85 -6.07 5.40
N ASN D 128 -37.14 -5.40 6.50
CA ASN D 128 -38.43 -5.48 7.19
C ASN D 128 -39.46 -4.47 6.77
N LYS D 129 -39.10 -3.60 5.84
CA LYS D 129 -40.05 -2.61 5.32
C LYS D 129 -41.13 -3.34 4.51
N GLU D 130 -42.41 -3.05 4.79
CA GLU D 130 -43.45 -3.79 4.09
C GLU D 130 -43.63 -3.33 2.69
N SER D 131 -43.45 -2.05 2.48
CA SER D 131 -43.68 -1.57 1.15
C SER D 131 -42.72 -0.44 0.93
N GLY D 132 -42.48 -0.14 -0.34
CA GLY D 132 -41.55 0.92 -0.70
C GLY D 132 -40.14 0.39 -1.00
N ALA D 133 -39.17 1.27 -0.82
CA ALA D 133 -37.78 0.94 -1.17
C ALA D 133 -36.85 1.65 -0.18
N THR D 134 -35.64 1.09 -0.01
CA THR D 134 -34.65 1.67 0.84
C THR D 134 -33.37 1.73 0.01
N VAL D 135 -32.69 2.85 0.11
CA VAL D 135 -31.35 2.99 -0.48
C VAL D 135 -30.43 3.54 0.61
N PHE D 136 -29.12 3.48 0.42
CA PHE D 136 -28.17 3.98 1.45
C PHE D 136 -27.26 5.05 0.86
N ALA D 137 -27.09 6.16 1.59
CA ALA D 137 -26.34 7.34 1.14
C ALA D 137 -25.03 7.49 1.95
N TYR D 138 -23.95 7.76 1.23
CA TYR D 138 -22.59 7.81 1.78
C TYR D 138 -21.91 9.05 1.25
N HIS D 139 -21.29 9.77 2.16
CA HIS D 139 -20.60 11.01 1.78
C HIS D 139 -19.30 10.67 1.04
N VAL D 140 -19.17 11.17 -0.16
CA VAL D 140 -17.96 10.95 -0.92
C VAL D 140 -17.34 12.28 -1.34
N ASN D 141 -16.13 12.16 -1.85
CA ASN D 141 -15.36 13.29 -2.26
C ASN D 141 -15.74 13.70 -3.67
N ASP D 142 -16.19 12.72 -4.47
CA ASP D 142 -16.51 12.93 -5.92
C ASP D 142 -17.96 12.52 -6.32
N PRO D 143 -18.95 13.22 -5.81
CA PRO D 143 -20.36 12.82 -5.99
C PRO D 143 -20.75 12.76 -7.46
N GLU D 144 -20.03 13.50 -8.30
CA GLU D 144 -20.36 13.55 -9.71
C GLU D 144 -20.26 12.18 -10.39
N ARG D 145 -19.53 11.24 -9.78
CA ARG D 145 -19.43 9.89 -10.36
C ARG D 145 -20.60 8.96 -10.02
N TYR D 146 -21.61 9.43 -9.29
CA TYR D 146 -22.58 8.50 -8.70
C TYR D 146 -23.97 9.06 -8.80
N GLY D 147 -24.96 8.23 -8.47
CA GLY D 147 -26.26 8.77 -8.16
C GLY D 147 -26.09 9.62 -6.90
N VAL D 148 -26.69 10.83 -6.91
CA VAL D 148 -26.58 11.81 -5.81
C VAL D 148 -27.95 12.16 -5.18
N VAL D 149 -28.07 11.99 -3.85
CA VAL D 149 -29.31 12.32 -3.18
C VAL D 149 -29.20 13.66 -2.47
N GLU D 150 -30.16 14.55 -2.73
CA GLU D 150 -30.14 15.86 -2.10
C GLU D 150 -31.12 15.87 -0.96
N PHE D 151 -30.75 16.50 0.14
CA PHE D 151 -31.62 16.53 1.29
C PHE D 151 -32.00 17.99 1.59
N ASP D 152 -33.18 18.21 2.15
CA ASP D 152 -33.51 19.54 2.65
C ASP D 152 -33.00 19.77 4.08
N LYS D 153 -33.39 20.88 4.69
CA LYS D 153 -32.88 21.26 6.02
C LYS D 153 -33.27 20.30 7.12
N ASN D 154 -34.43 19.67 6.98
CA ASN D 154 -34.91 18.71 7.97
C ASN D 154 -34.28 17.32 7.78
N GLY D 155 -33.54 17.14 6.69
CA GLY D 155 -32.90 15.86 6.41
C GLY D 155 -33.75 14.93 5.54
N THR D 156 -34.77 15.49 4.89
CA THR D 156 -35.61 14.69 4.03
C THR D 156 -35.08 14.70 2.62
N ALA D 157 -35.04 13.53 2.00
CA ALA D 157 -34.56 13.44 0.66
C ALA D 157 -35.55 14.15 -0.20
N ILE D 158 -35.05 15.00 -1.07
CA ILE D 158 -35.90 15.76 -1.98
C ILE D 158 -35.57 15.62 -3.42
N SER D 159 -34.38 15.11 -3.75
CA SER D 159 -33.93 15.08 -5.15
C SER D 159 -32.93 13.91 -5.37
N LEU D 160 -32.97 13.26 -6.54
CA LEU D 160 -32.00 12.22 -6.89
C LEU D 160 -31.59 12.59 -8.27
N GLU D 161 -30.30 12.50 -8.58
CA GLU D 161 -29.84 12.79 -9.94
C GLU D 161 -28.71 11.86 -10.28
N GLU D 162 -28.67 11.35 -11.51
CA GLU D 162 -27.60 10.44 -11.87
C GLU D 162 -26.37 11.15 -12.49
N LYS D 163 -25.22 11.07 -11.80
CA LYS D 163 -23.98 11.65 -12.33
C LYS D 163 -24.13 13.10 -12.78
N PRO D 164 -24.59 13.95 -11.87
CA PRO D 164 -24.83 15.36 -12.17
C PRO D 164 -23.53 16.14 -12.33
N LEU D 165 -23.47 17.03 -13.33
CA LEU D 165 -22.32 17.91 -13.51
C LEU D 165 -22.27 18.93 -12.39
N GLU D 166 -23.42 19.28 -11.84
CA GLU D 166 -23.49 20.21 -10.70
C GLU D 166 -24.16 19.54 -9.49
N PRO D 167 -23.43 18.67 -8.79
CA PRO D 167 -24.04 17.90 -7.70
C PRO D 167 -24.68 18.79 -6.63
N LYS D 168 -25.87 18.47 -6.15
CA LYS D 168 -26.46 19.27 -5.08
C LYS D 168 -26.04 18.88 -3.66
N SER D 169 -25.20 17.83 -3.54
CA SER D 169 -24.75 17.36 -2.23
C SER D 169 -23.55 16.45 -2.43
N ASN D 170 -22.95 16.01 -1.35
CA ASN D 170 -21.84 15.08 -1.45
C ASN D 170 -22.27 13.67 -1.13
N TYR D 171 -23.57 13.44 -1.09
CA TYR D 171 -24.08 12.10 -0.76
C TYR D 171 -24.35 11.19 -1.96
N ALA D 172 -23.56 10.13 -2.08
CA ALA D 172 -23.75 9.23 -3.22
C ALA D 172 -24.72 8.16 -2.78
N VAL D 173 -25.56 7.70 -3.70
CA VAL D 173 -26.44 6.58 -3.37
C VAL D 173 -25.65 5.33 -3.75
N THR D 174 -25.49 4.42 -2.79
CA THR D 174 -24.55 3.32 -3.01
C THR D 174 -25.24 2.20 -3.78
N GLY D 175 -24.46 1.23 -4.19
CA GLY D 175 -25.03 0.14 -4.98
C GLY D 175 -25.72 -0.98 -4.17
N LEU D 176 -26.48 -0.66 -3.12
CA LEU D 176 -27.21 -1.71 -2.40
C LEU D 176 -28.63 -1.16 -2.33
N TYR D 177 -29.60 -1.93 -2.80
CA TYR D 177 -30.98 -1.45 -2.88
C TYR D 177 -31.98 -2.53 -2.43
N PHE D 178 -33.04 -2.09 -1.73
CA PHE D 178 -34.04 -3.05 -1.32
C PHE D 178 -35.38 -2.57 -1.83
N TYR D 179 -36.11 -3.48 -2.45
CA TYR D 179 -37.34 -3.10 -3.10
C TYR D 179 -38.46 -4.03 -2.71
N ASP D 180 -39.69 -3.49 -2.78
CA ASP D 180 -40.83 -4.36 -2.72
C ASP D 180 -41.15 -4.88 -4.12
N ASN D 181 -42.27 -5.60 -4.25
CA ASN D 181 -42.59 -6.24 -5.52
C ASN D 181 -42.94 -5.30 -6.68
N ASP D 182 -43.17 -4.04 -6.40
CA ASP D 182 -43.55 -3.11 -7.47
C ASP D 182 -42.43 -2.75 -8.42
N VAL D 183 -41.19 -3.07 -8.04
CA VAL D 183 -40.07 -2.63 -8.85
C VAL D 183 -40.04 -3.25 -10.27
N VAL D 184 -40.55 -4.46 -10.43
CA VAL D 184 -40.49 -5.10 -11.72
C VAL D 184 -41.29 -4.31 -12.78
N GLN D 185 -42.51 -3.94 -12.43
CA GLN D 185 -43.31 -3.15 -13.34
C GLN D 185 -42.66 -1.80 -13.67
N MET D 186 -42.11 -1.13 -12.66
CA MET D 186 -41.40 0.15 -12.86
C MET D 186 -40.31 -0.03 -13.88
N ALA D 187 -39.57 -1.13 -13.74
CA ALA D 187 -38.42 -1.35 -14.59
C ALA D 187 -38.94 -1.63 -15.99
N LYS D 188 -40.00 -2.41 -16.11
CA LYS D 188 -40.56 -2.69 -17.45
C LYS D 188 -41.03 -1.44 -18.19
N ASN D 189 -41.40 -0.42 -17.46
CA ASN D 189 -41.88 0.81 -18.06
C ASN D 189 -40.80 1.82 -18.37
N LEU D 190 -39.55 1.56 -17.97
CA LEU D 190 -38.49 2.57 -18.12
C LEU D 190 -38.02 2.67 -19.55
N LYS D 191 -37.51 3.83 -19.94
CA LYS D 191 -36.85 3.95 -21.24
C LYS D 191 -35.40 4.37 -20.92
N PRO D 192 -34.42 3.97 -21.74
CA PRO D 192 -33.04 4.38 -21.49
C PRO D 192 -32.85 5.89 -21.33
N SER D 193 -31.87 6.22 -20.50
CA SER D 193 -31.49 7.60 -20.30
C SER D 193 -30.65 8.11 -21.48
N ALA D 194 -30.18 9.34 -21.33
CA ALA D 194 -29.25 9.97 -22.30
C ALA D 194 -27.88 9.29 -22.32
N ARG D 195 -27.58 8.46 -21.31
CA ARG D 195 -26.33 7.72 -21.28
C ARG D 195 -26.54 6.44 -22.03
N GLY D 196 -27.79 6.20 -22.42
CA GLY D 196 -28.12 5.00 -23.13
C GLY D 196 -28.40 3.81 -22.23
N GLU D 197 -28.71 4.06 -20.95
CA GLU D 197 -28.86 2.97 -19.96
C GLU D 197 -30.19 3.01 -19.22
N LEU D 198 -30.72 1.84 -18.86
CA LEU D 198 -31.90 1.82 -17.98
C LEU D 198 -31.41 2.04 -16.54
N GLU D 199 -31.81 3.17 -15.96
CA GLU D 199 -31.15 3.75 -14.78
C GLU D 199 -31.82 3.34 -13.49
N ILE D 200 -31.02 2.98 -12.49
CA ILE D 200 -31.59 2.67 -11.18
C ILE D 200 -32.12 3.93 -10.52
N THR D 201 -31.43 5.03 -10.76
CA THR D 201 -31.85 6.30 -10.20
C THR D 201 -33.27 6.66 -10.63
N ASP D 202 -33.67 6.31 -11.87
CA ASP D 202 -35.04 6.55 -12.36
C ASP D 202 -36.07 5.73 -11.55
N ILE D 203 -35.77 4.47 -11.27
CA ILE D 203 -36.61 3.69 -10.34
C ILE D 203 -36.68 4.33 -8.95
N ASN D 204 -35.52 4.70 -8.38
CA ASN D 204 -35.55 5.32 -7.04
C ASN D 204 -36.36 6.61 -7.03
N ARG D 205 -36.25 7.37 -8.12
CA ARG D 205 -36.97 8.63 -8.19
C ARG D 205 -38.48 8.36 -8.12
N ILE D 206 -38.91 7.32 -8.84
CA ILE D 206 -40.33 7.00 -8.75
C ILE D 206 -40.77 6.79 -7.34
N TYR D 207 -40.10 5.86 -6.64
CA TYR D 207 -40.42 5.70 -5.24
C TYR D 207 -40.37 7.01 -4.44
N LEU D 208 -39.35 7.81 -4.69
CA LEU D 208 -39.20 9.06 -3.94
C LEU D 208 -40.48 9.92 -4.09
N GLU D 209 -40.88 10.14 -5.33
CA GLU D 209 -42.09 10.90 -5.65
C GLU D 209 -43.40 10.32 -5.08
N GLN D 210 -43.48 8.99 -4.89
CA GLN D 210 -44.65 8.38 -4.24
C GLN D 210 -44.55 8.54 -2.74
N GLY D 211 -43.44 9.09 -2.29
CA GLY D 211 -43.23 9.24 -0.86
C GLY D 211 -43.01 7.90 -0.20
N ARG D 212 -42.43 6.92 -0.92
CA ARG D 212 -42.17 5.59 -0.31
C ARG D 212 -40.68 5.19 -0.35
N LEU D 213 -39.80 6.17 -0.52
CA LEU D 213 -38.37 5.87 -0.55
C LEU D 213 -37.75 6.19 0.80
N SER D 214 -37.14 5.20 1.44
CA SER D 214 -36.34 5.47 2.66
C SER D 214 -34.86 5.62 2.30
N VAL D 215 -34.23 6.66 2.83
CA VAL D 215 -32.79 6.82 2.61
C VAL D 215 -32.06 6.64 3.92
N ALA D 216 -31.41 5.50 4.09
CA ALA D 216 -30.54 5.29 5.23
C ALA D 216 -29.18 5.95 5.05
N MET D 217 -28.73 6.67 6.06
CA MET D 217 -27.41 7.32 5.96
C MET D 217 -26.35 6.33 6.44
N MET D 218 -25.26 6.11 5.70
CA MET D 218 -24.13 5.32 6.23
C MET D 218 -23.12 6.39 6.60
N GLY D 219 -22.84 6.56 7.89
CA GLY D 219 -21.91 7.56 8.35
C GLY D 219 -20.46 7.30 8.01
N ARG D 220 -19.63 8.18 8.55
CA ARG D 220 -18.20 8.26 8.23
C ARG D 220 -17.45 7.06 8.79
N GLY D 221 -18.10 6.38 9.73
CA GLY D 221 -17.51 5.16 10.28
C GLY D 221 -17.58 3.90 9.40
N TYR D 222 -18.31 3.98 8.29
CA TYR D 222 -18.38 2.86 7.35
C TYR D 222 -17.41 3.07 6.22
N ALA D 223 -17.01 1.96 5.60
CA ALA D 223 -16.13 2.12 4.45
C ALA D 223 -16.95 1.54 3.28
N TRP D 224 -17.02 2.31 2.22
CA TRP D 224 -17.60 1.83 0.95
C TRP D 224 -16.47 2.01 -0.07
N LEU D 225 -15.83 0.88 -0.43
CA LEU D 225 -14.54 0.87 -1.12
C LEU D 225 -14.73 1.07 -2.59
N ASP D 226 -13.86 1.89 -3.15
CA ASP D 226 -13.95 2.24 -4.55
C ASP D 226 -13.32 1.08 -5.33
N THR D 227 -13.95 0.61 -6.40
CA THR D 227 -13.31 -0.44 -7.21
C THR D 227 -13.30 0.03 -8.67
N GLY D 228 -13.33 1.33 -8.88
CA GLY D 228 -13.41 1.82 -10.24
C GLY D 228 -12.18 1.60 -11.09
N THR D 229 -11.01 2.00 -10.57
CA THR D 229 -9.77 1.95 -11.35
C THR D 229 -8.85 0.80 -10.94
N HIS D 230 -7.76 0.62 -11.68
CA HIS D 230 -6.79 -0.36 -11.25
C HIS D 230 -6.31 0.15 -9.93
N GLN D 231 -6.10 1.46 -9.81
CA GLN D 231 -5.48 1.93 -8.57
C GLN D 231 -6.39 1.65 -7.35
N SER D 232 -7.66 1.90 -7.53
CA SER D 232 -8.58 1.67 -6.45
C SER D 232 -8.73 0.19 -6.10
N LEU D 233 -8.48 -0.73 -7.06
CA LEU D 233 -8.54 -2.15 -6.70
C LEU D 233 -7.43 -2.42 -5.72
N ILE D 234 -6.25 -1.87 -5.99
CA ILE D 234 -5.18 -2.07 -5.06
C ILE D 234 -5.58 -1.49 -3.71
N GLU D 235 -6.12 -0.28 -3.72
CA GLU D 235 -6.50 0.31 -2.46
C GLU D 235 -7.48 -0.58 -1.69
N ALA D 236 -8.51 -1.07 -2.38
CA ALA D 236 -9.48 -1.93 -1.70
C ALA D 236 -8.78 -3.17 -1.13
N SER D 237 -7.91 -3.81 -1.92
CA SER D 237 -7.20 -5.00 -1.45
C SER D 237 -6.35 -4.70 -0.21
N ASN D 238 -5.72 -3.54 -0.18
CA ASN D 238 -4.81 -3.22 0.94
C ASN D 238 -5.62 -2.94 2.21
N PHE D 239 -6.77 -2.33 2.01
CA PHE D 239 -7.67 -2.05 3.16
C PHE D 239 -8.15 -3.35 3.81
N ILE D 240 -8.62 -4.32 3.00
CA ILE D 240 -9.10 -5.59 3.53
C ILE D 240 -7.94 -6.33 4.19
N ALA D 241 -6.80 -6.31 3.52
CA ALA D 241 -5.65 -7.03 4.04
C ALA D 241 -5.29 -6.47 5.47
N THR D 242 -5.36 -5.15 5.63
CA THR D 242 -4.97 -4.53 6.87
C THR D 242 -5.90 -4.93 8.00
N ILE D 243 -7.19 -4.98 7.70
CA ILE D 243 -8.18 -5.38 8.70
C ILE D 243 -7.94 -6.83 9.09
N GLU D 244 -7.92 -7.68 8.08
CA GLU D 244 -7.88 -9.10 8.35
C GLU D 244 -6.61 -9.47 9.09
N GLU D 245 -5.50 -8.94 8.63
CA GLU D 245 -4.23 -9.37 9.26
C GLU D 245 -4.13 -8.86 10.71
N ARG D 246 -4.71 -7.72 10.96
CA ARG D 246 -4.69 -7.19 12.33
C ARG D 246 -5.58 -8.08 13.20
N GLN D 247 -6.82 -8.30 12.77
CA GLN D 247 -7.81 -8.99 13.61
C GLN D 247 -7.72 -10.52 13.61
N GLY D 248 -7.13 -11.10 12.58
CA GLY D 248 -7.16 -12.55 12.54
C GLY D 248 -8.59 -12.99 12.22
N LEU D 249 -9.36 -12.11 11.59
CA LEU D 249 -10.72 -12.47 11.19
C LEU D 249 -10.84 -12.11 9.70
N LYS D 250 -11.74 -12.76 8.98
CA LYS D 250 -11.84 -12.45 7.53
C LYS D 250 -13.01 -11.50 7.35
N VAL D 251 -12.94 -10.63 6.32
CA VAL D 251 -14.06 -9.78 5.98
C VAL D 251 -14.78 -10.49 4.81
N SER D 252 -16.10 -10.61 4.93
CA SER D 252 -16.91 -11.16 3.82
C SER D 252 -16.48 -12.52 3.37
N CYS D 253 -16.35 -13.42 4.32
CA CYS D 253 -16.09 -14.82 3.95
C CYS D 253 -17.45 -15.51 4.04
N PRO D 254 -17.95 -16.02 2.92
CA PRO D 254 -19.30 -16.60 2.84
C PRO D 254 -19.40 -17.89 3.66
N GLU D 255 -18.34 -18.71 3.71
CA GLU D 255 -18.42 -19.92 4.52
C GLU D 255 -18.61 -19.53 6.00
N GLU D 256 -17.87 -18.53 6.46
CA GLU D 256 -18.01 -18.12 7.87
C GLU D 256 -19.38 -17.57 8.16
N ILE D 257 -19.87 -16.73 7.27
CA ILE D 257 -21.19 -16.15 7.51
C ILE D 257 -22.26 -17.19 7.46
N ALA D 258 -22.09 -18.16 6.58
CA ALA D 258 -23.10 -19.22 6.50
C ALA D 258 -23.08 -20.03 7.81
N PHE D 259 -21.89 -20.30 8.32
CA PHE D 259 -21.80 -21.04 9.58
C PHE D 259 -22.33 -20.25 10.78
N ARG D 260 -21.94 -18.98 10.87
CA ARG D 260 -22.37 -18.16 11.99
C ARG D 260 -23.87 -17.88 12.02
N LYS D 261 -24.49 -17.79 10.85
CA LYS D 261 -25.93 -17.55 10.80
C LYS D 261 -26.74 -18.85 10.82
N GLY D 262 -26.06 -19.96 10.89
CA GLY D 262 -26.71 -21.26 10.96
C GLY D 262 -27.22 -21.84 9.64
N PHE D 263 -26.73 -21.33 8.52
CA PHE D 263 -27.15 -21.90 7.24
C PHE D 263 -26.53 -23.31 7.09
N ILE D 264 -25.33 -23.48 7.64
CA ILE D 264 -24.66 -24.80 7.55
C ILE D 264 -24.13 -25.17 8.92
N ASP D 265 -23.84 -26.46 9.12
CA ASP D 265 -23.34 -26.83 10.44
C ASP D 265 -21.83 -27.04 10.47
N VAL D 266 -21.29 -27.27 11.66
CA VAL D 266 -19.87 -27.61 11.84
C VAL D 266 -19.33 -28.67 10.89
N GLU D 267 -20.05 -29.76 10.66
CA GLU D 267 -19.48 -30.82 9.83
C GLU D 267 -19.23 -30.28 8.43
N GLN D 268 -20.29 -29.64 7.93
CA GLN D 268 -20.26 -29.00 6.64
C GLN D 268 -19.07 -28.02 6.53
N VAL D 269 -18.85 -27.19 7.53
CA VAL D 269 -17.74 -26.23 7.43
C VAL D 269 -16.43 -26.96 7.33
N ARG D 270 -16.28 -28.01 8.13
CA ARG D 270 -15.04 -28.77 8.08
C ARG D 270 -14.75 -29.38 6.71
N LYS D 271 -15.78 -29.89 6.07
CA LYS D 271 -15.67 -30.49 4.77
C LYS D 271 -15.26 -29.46 3.73
N LEU D 272 -15.83 -28.26 3.84
CA LEU D 272 -15.43 -27.15 2.99
C LEU D 272 -13.99 -26.72 3.22
N ALA D 273 -13.57 -26.70 4.47
CA ALA D 273 -12.26 -26.21 4.84
C ALA D 273 -11.11 -27.05 4.28
N VAL D 274 -11.32 -28.34 4.22
CA VAL D 274 -10.20 -29.22 3.90
C VAL D 274 -9.54 -28.97 2.59
N PRO D 275 -10.30 -28.79 1.54
CA PRO D 275 -9.67 -28.51 0.24
C PRO D 275 -8.97 -27.16 0.21
N LEU D 276 -9.18 -26.33 1.22
CA LEU D 276 -8.58 -25.00 1.27
C LEU D 276 -7.53 -24.92 2.35
N ILE D 277 -7.32 -26.04 3.01
CA ILE D 277 -6.56 -26.06 4.25
C ILE D 277 -5.07 -25.87 4.13
N LYS D 278 -4.58 -25.77 2.92
CA LYS D 278 -3.17 -25.49 2.73
C LYS D 278 -2.84 -24.08 3.19
N ASN D 279 -3.73 -23.13 2.93
CA ASN D 279 -3.44 -21.77 3.34
C ASN D 279 -4.31 -21.28 4.46
N ASN D 280 -4.06 -20.07 4.88
CA ASN D 280 -4.80 -19.53 5.97
C ASN D 280 -6.31 -19.59 5.84
N TYR D 281 -6.81 -19.57 4.61
CA TYR D 281 -8.28 -19.45 4.40
C TYR D 281 -8.98 -20.70 4.93
N GLY D 282 -8.44 -21.87 4.61
CA GLY D 282 -9.05 -23.11 5.07
C GLY D 282 -8.76 -23.35 6.52
N GLN D 283 -7.55 -23.00 6.96
CA GLN D 283 -7.27 -23.14 8.40
C GLN D 283 -8.18 -22.30 9.24
N TYR D 284 -8.48 -21.11 8.74
CA TYR D 284 -9.39 -20.24 9.49
C TYR D 284 -10.79 -20.86 9.61
N LEU D 285 -11.28 -21.45 8.54
CA LEU D 285 -12.61 -22.07 8.62
C LEU D 285 -12.61 -23.30 9.53
N TYR D 286 -11.59 -24.12 9.43
CA TYR D 286 -11.47 -25.33 10.25
C TYR D 286 -11.52 -24.99 11.74
N LYS D 287 -10.87 -23.91 12.15
CA LYS D 287 -10.78 -23.56 13.56
C LYS D 287 -12.04 -22.92 14.11
N MET D 288 -12.91 -22.42 13.23
CA MET D 288 -14.13 -21.81 13.72
C MET D 288 -14.93 -22.90 14.38
N THR D 289 -14.60 -24.13 13.99
CA THR D 289 -15.22 -25.35 14.46
C THR D 289 -14.80 -25.71 15.88
N LYS D 290 -13.51 -25.52 16.18
CA LYS D 290 -12.95 -25.62 17.54
C LYS D 290 -12.88 -24.17 18.12
N ASP D 291 -11.71 -23.53 17.97
CA ASP D 291 -11.53 -22.10 18.28
C ASP D 291 -10.07 -21.63 18.19
PA TYD E . -19.63 8.08 13.98
O1A TYD E . -20.21 9.15 14.86
O2A TYD E . -20.16 6.82 14.47
O3A TYD E . -20.09 8.22 12.55
PB TYD E . -21.06 9.32 12.13
O1B TYD E . -21.16 10.53 13.03
O2B TYD E . -20.78 9.78 10.73
O3B TYD E . -22.31 8.48 12.21
O5' TYD E . -18.11 8.22 14.06
C5' TYD E . -17.44 7.34 13.15
C4' TYD E . -15.91 7.48 13.24
O4' TYD E . -15.53 8.80 12.84
C3' TYD E . -15.35 7.26 14.66
O3' TYD E . -14.16 6.48 14.45
C2' TYD E . -14.94 8.69 15.11
C1' TYD E . -14.70 9.42 13.80
N1 TYD E . -15.02 10.83 13.76
C2 TYD E . -14.01 11.72 13.47
O2 TYD E . -12.75 11.34 13.34
N3 TYD E . -14.26 13.01 13.43
C4 TYD E . -15.50 13.49 13.48
O4 TYD E . -15.70 14.79 13.35
C5 TYD E . -16.53 12.64 13.73
C5M TYD E . -17.95 13.15 13.87
C6 TYD E . -16.28 11.27 13.87
O6 DAU F . -1.43 -1.64 23.53
C6 DAU F . -2.32 -2.17 24.49
C5 DAU F . -1.47 -2.91 25.53
O5 DAU F . -0.73 -1.84 26.14
C4 DAU F . -2.39 -3.60 26.50
O4 DAU F . -3.02 -4.68 25.86
C3 DAU F . -1.63 -4.13 27.70
O3 DAU F . -2.55 -4.79 28.61
C2 DAU F . -0.91 -2.91 28.26
O2 DAU F . -0.10 -3.38 29.28
C1 DAU F . 0.00 -2.24 27.29
O1 DAU F . 1.03 -3.19 26.96
P2 DAU F . 2.55 -2.78 27.32
O3P DAU F . 3.55 -3.96 26.69
O4P DAU F . 2.82 -2.48 28.95
OPP DAU F . 2.66 -1.45 26.46
P DAU F . 3.87 -0.99 25.56
O1P DAU F . 3.76 -1.52 23.96
O2P DAU F . 5.25 -1.18 26.45
O5' DAU F . 3.59 0.61 25.58
C5' DAU F . 2.33 1.13 25.16
C4' DAU F . 2.66 2.59 24.90
O4' DAU F . 2.77 3.24 26.17
C3' DAU F . 4.04 2.76 24.24
O3' DAU F . 3.93 3.78 23.25
C2' DAU F . 4.98 3.24 25.37
C1' DAU F . 4.01 3.96 26.29
N11 DAU F . 4.37 3.71 27.68
C61 DAU F . 4.48 2.44 28.09
C51 DAU F . 4.95 2.23 29.40
C5A DAU F . 5.03 0.84 30.01
C21 DAU F . 4.57 4.76 28.54
O21 DAU F . 4.38 6.02 28.14
N31 DAU F . 4.91 4.57 29.84
C41 DAU F . 5.10 3.31 30.25
O41 DAU F . 5.42 3.07 31.48
PA TYD G . 23.20 -2.77 -7.74
O1A TYD G . 22.22 -3.63 -8.51
O2A TYD G . 23.95 -1.81 -8.64
O3A TYD G . 24.14 -3.68 -6.98
PB TYD G . 25.60 -4.01 -7.19
O1B TYD G . 25.97 -4.65 -5.86
O2B TYD G . 26.53 -2.83 -7.43
O3B TYD G . 25.79 -4.94 -8.39
O5' TYD G . 22.44 -1.94 -6.73
C5' TYD G . 22.59 -0.51 -6.65
C4' TYD G . 21.39 0.11 -5.90
O4' TYD G . 21.39 -0.30 -4.54
C3' TYD G . 21.49 1.64 -5.78
O3' TYD G . 20.17 2.14 -5.70
C2' TYD G . 22.15 1.94 -4.44
C1' TYD G . 21.68 0.76 -3.60
N1 TYD G . 22.68 0.33 -2.63
C2 TYD G . 22.34 0.43 -1.35
O2 TYD G . 21.23 1.07 -1.07
N3 TYD G . 23.15 0.00 -0.38
C4 TYD G . 24.26 -0.63 -0.70
O4 TYD G . 25.05 -1.10 0.26
C5 TYD G . 24.64 -0.75 -2.02
C5M TYD G . 25.93 -1.46 -2.34
C6 TYD G . 23.79 -0.29 -3.01
O6 DAU H . 13.59 18.72 -8.37
C6 DAU H . 13.42 19.62 -7.25
C5 DAU H . 12.89 20.97 -7.74
O5 DAU H . 13.23 21.93 -6.75
C4 DAU H . 13.50 21.25 -9.09
O4 DAU H . 12.95 20.39 -10.08
C3 DAU H . 13.42 22.71 -9.53
O3 DAU H . 14.16 22.73 -10.77
C2 DAU H . 14.10 23.48 -8.41
O2 DAU H . 14.11 24.89 -8.65
C1 DAU H . 13.40 23.30 -7.07
O1 DAU H . 12.14 23.99 -6.99
P2 DAU H . 11.73 25.07 -5.85
O3P DAU H . 10.14 25.59 -6.10
O4P DAU H . 12.73 26.41 -5.79
OPP DAU H . 11.93 24.41 -4.41
P DAU H . 10.84 23.44 -3.76
O1P DAU H . 10.35 22.42 -5.03
O2P DAU H . 9.75 24.53 -3.12
O5' DAU H . 11.72 22.67 -2.66
C5' DAU H . 12.59 21.63 -3.10
C4' DAU H . 13.28 21.04 -1.87
O4' DAU H . 14.38 21.85 -1.46
C3' DAU H . 12.36 21.00 -0.66
O3' DAU H . 12.77 19.89 0.15
C2' DAU H . 12.68 22.25 0.13
C1' DAU H . 14.15 22.46 -0.19
N11 DAU H . 14.55 23.83 -0.31
C61 DAU H . 13.88 24.59 -1.19
C51 DAU H . 14.19 25.97 -1.21
C5A DAU H . 13.58 26.92 -2.21
C21 DAU H . 15.57 24.33 0.44
O21 DAU H . 16.27 23.53 1.25
N31 DAU H . 15.96 25.63 0.36
C41 DAU H . 15.26 26.43 -0.46
O41 DAU H . 15.59 27.67 -0.59
PA TYD I . 16.21 1.37 -18.56
O1A TYD I . 16.67 2.19 -17.41
O2A TYD I . 17.22 0.30 -18.93
O3A TYD I . 15.84 2.21 -19.73
PB TYD I . 16.68 2.94 -20.73
O1B TYD I . 15.70 3.91 -21.37
O2B TYD I . 17.22 2.00 -21.78
O3B TYD I . 17.84 3.70 -20.07
O5' TYD I . 14.90 0.72 -18.25
C5' TYD I . 14.61 -0.68 -18.47
C4' TYD I . 13.37 -1.20 -17.67
O4' TYD I . 12.15 -0.80 -18.29
C3' TYD I . 13.29 -2.74 -17.67
O3' TYD I . 12.76 -3.24 -16.43
C2' TYD I . 12.29 -3.08 -18.78
C1' TYD I . 11.33 -1.89 -18.75
N1 TYD I . 10.83 -1.54 -20.07
C2 TYD I . 9.50 -1.55 -20.40
O2 TYD I . 8.57 -1.85 -19.49
N3 TYD I . 9.14 -1.06 -21.59
C4 TYD I . 10.03 -0.72 -22.53
O4 TYD I . 9.63 -0.34 -23.74
C5 TYD I . 11.37 -0.71 -22.23
C5M TYD I . 12.37 -0.38 -23.30
C6 TYD I . 11.74 -1.16 -20.97
O6 DAU J . 10.19 -18.59 -8.62
C6 DAU J . 11.48 -19.25 -8.85
C5 DAU J . 11.37 -20.72 -8.42
O5 DAU J . 10.42 -21.33 -9.27
C4 DAU J . 12.75 -21.39 -8.42
O4 DAU J . 13.54 -20.74 -7.42
C3 DAU J . 12.57 -22.91 -8.19
O3 DAU J . 13.86 -23.56 -8.32
C2 DAU J . 11.60 -23.45 -9.25
O2 DAU J . 11.40 -24.84 -8.95
C1 DAU J . 10.26 -22.74 -9.13
O1 DAU J . 9.82 -22.88 -7.78
P2 DAU J . 8.25 -22.72 -7.46
O3P DAU J . 7.52 -21.22 -7.78
O4P DAU J . 8.08 -23.17 -5.89
OPP DAU J . 7.56 -23.72 -8.47
P DAU J . 6.02 -23.27 -8.62
O1P DAU J . 5.62 -21.83 -7.80
O2P DAU J . 5.24 -24.61 -8.01
O5' DAU J . 5.81 -23.01 -10.17
C5' DAU J . 6.18 -21.78 -10.72
C4' DAU J . 5.26 -21.48 -11.87
O4' DAU J . 5.25 -22.55 -12.82
C3' DAU J . 3.85 -21.41 -11.30
O3' DAU J . 3.18 -20.26 -11.85
C2' DAU J . 3.17 -22.68 -11.76
C1' DAU J . 3.94 -23.08 -13.00
N11 DAU J . 4.00 -24.54 -13.09
C61 DAU J . 4.45 -25.26 -12.04
C51 DAU J . 4.35 -26.65 -12.13
C5A DAU J . 4.91 -27.57 -11.06
C21 DAU J . 3.58 -25.16 -14.24
O21 DAU J . 3.20 -24.42 -15.29
N31 DAU J . 3.57 -26.50 -14.37
C41 DAU J . 3.96 -27.24 -13.33
O41 DAU J . 3.98 -28.52 -13.40
PA TYD K . -20.75 -6.38 12.98
O1A TYD K . -21.08 -5.03 13.49
O2A TYD K . -22.05 -7.16 12.92
O3A TYD K . -19.70 -6.73 14.03
PB TYD K . -19.85 -7.97 14.95
O1B TYD K . -20.95 -7.81 15.98
O2B TYD K . -18.53 -8.31 15.62
O3B TYD K . -20.29 -9.15 14.15
O5' TYD K . -20.28 -6.35 11.52
C5' TYD K . -19.04 -5.72 11.29
C4' TYD K . -18.59 -5.96 9.85
O4' TYD K . -18.19 -7.32 9.73
C3' TYD K . -19.67 -5.77 8.77
O3' TYD K . -19.08 -5.10 7.64
C2' TYD K . -20.11 -7.18 8.39
C1' TYD K . -18.79 -7.95 8.60
N1 TYD K . -18.96 -9.37 8.94
C2 TYD K . -18.24 -10.25 8.24
O2 TYD K . -17.49 -9.79 7.26
N3 TYD K . -18.23 -11.54 8.52
C4 TYD K . -18.96 -12.01 9.54
O4 TYD K . -18.88 -13.32 9.81
C5 TYD K . -19.65 -11.11 10.35
C5M TYD K . -20.53 -11.54 11.51
C6 TYD K . -19.64 -9.76 9.99
O6 DAU L . -21.59 2.17 -7.40
C6 DAU L . -22.77 2.93 -7.13
C5 DAU L . -23.27 3.50 -8.48
O5 DAU L . -23.59 2.41 -9.31
C4 DAU L . -24.49 4.37 -8.25
O4 DAU L . -24.15 5.50 -7.42
C3 DAU L . -25.15 4.81 -9.55
O3 DAU L . -26.34 5.49 -9.16
C2 DAU L . -25.47 3.52 -10.32
O2 DAU L . -25.88 3.88 -11.63
C1 DAU L . -24.18 2.79 -10.55
O1 DAU L . -23.36 3.70 -11.31
P2 DAU L . -22.17 3.03 -12.20
O3P DAU L . -20.97 2.40 -11.21
O4P DAU L . -21.46 4.16 -13.20
OPP DAU L . -22.67 1.77 -12.97
P DAU L . -21.38 0.83 -13.35
O1P DAU L . -20.00 1.17 -12.45
O2P DAU L . -21.21 0.96 -15.00
O5' DAU L . -21.62 -0.71 -12.99
C5' DAU L . -21.56 -1.07 -11.62
C4' DAU L . -21.70 -2.59 -11.44
O4' DAU L . -22.84 -3.02 -12.18
C3' DAU L . -20.52 -3.44 -11.91
O3' DAU L . -20.50 -4.61 -10.99
C2' DAU L . -20.98 -3.79 -13.32
C1' DAU L . -22.48 -4.02 -13.12
N11 DAU L . -23.35 -3.70 -14.29
C61 DAU L . -23.59 -2.43 -14.68
C51 DAU L . -24.30 -2.26 -15.87
C5A DAU L . -24.69 -0.89 -16.38
C21 DAU L . -23.90 -4.77 -14.96
O21 DAU L . -23.72 -6.01 -14.52
N31 DAU L . -24.66 -4.60 -16.07
C41 DAU L . -24.85 -3.36 -16.51
O41 DAU L . -25.57 -3.13 -17.55
S SO4 M . -30.18 -17.21 -19.68
O1 SO4 M . -31.38 -18.04 -19.45
O2 SO4 M . -30.51 -15.80 -19.45
O3 SO4 M . -29.67 -17.38 -21.05
O4 SO4 M . -29.15 -17.60 -18.72
#